data_8C77
#
_entry.id   8C77
#
_cell.length_a   57.080
_cell.length_b   62.240
_cell.length_c   67.870
_cell.angle_alpha   105.254
_cell.angle_beta   93.705
_cell.angle_gamma   115.319
#
_symmetry.space_group_name_H-M   'P 1'
#
loop_
_entity.id
_entity.type
_entity.pdbx_description
1 polymer 'Cathepsin L'
2 non-polymer '~{tert}-butyl ~{N}-[(2~{S})-3-(1~{H}-indol-3-yl)-1-(2-methanoylhydrazinyl)-1-oxidanylidene-propan-2-yl]carbamate'
3 non-polymer 1,2-ETHANEDIOL
4 non-polymer 'TETRAETHYLENE GLYCOL'
5 non-polymer 'DIMETHYL SULFOXIDE'
6 non-polymer DI(HYDROXYETHYL)ETHER
7 non-polymer 'ACETATE ION'
8 non-polymer 'TRIETHYLENE GLYCOL'
9 water water
#
_entity_poly.entity_id   1
_entity_poly.type   'polypeptide(L)'
_entity_poly.pdbx_seq_one_letter_code
;APRSVDWREKGYVTPVKNQGQCGSCWAFSATGALEGQMFRKTGRLISLSEQNLVDCSGPQGNEGCNGGLMDYAFQYVQDN
GGLDSEESYPYEATEESCKYNPKYSVANDAGFVDIPKQEKALMKAVATVGPISVAIDAGHESFLFYKEGIYFEPDCSSED
MDHGVLVVGYGFESTESDNNKYWLVKNSWGEEWGMGGYVKMAKDRRNHCGIASAASYPTV
;
_entity_poly.pdbx_strand_id   A,B,C,D
#
loop_
_chem_comp.id
_chem_comp.type
_chem_comp.name
_chem_comp.formula
ACT non-polymer 'ACETATE ION' 'C2 H3 O2 -1'
DMS non-polymer 'DIMETHYL SULFOXIDE' 'C2 H6 O S'
EDO non-polymer 1,2-ETHANEDIOL 'C2 H6 O2'
PEG non-polymer DI(HYDROXYETHYL)ETHER 'C4 H10 O3'
PG4 non-polymer 'TETRAETHYLENE GLYCOL' 'C8 H18 O5'
PGE non-polymer 'TRIETHYLENE GLYCOL' 'C6 H14 O4'
TXH non-polymer '~{tert}-butyl ~{N}-[(2~{S})-3-(1~{H}-indol-3-yl)-1-(2-methanoylhydrazinyl)-1-oxidanylidene-propan-2-yl]carbamate' 'C17 H22 N4 O4'
#
# COMPACT_ATOMS: atom_id res chain seq x y z
N ALA A 1 -11.48 -16.71 9.41
CA ALA A 1 -11.55 -15.27 9.54
C ALA A 1 -11.25 -14.62 8.19
N PRO A 2 -11.65 -13.35 8.02
CA PRO A 2 -11.26 -12.62 6.80
C PRO A 2 -9.74 -12.44 6.74
N ARG A 3 -9.24 -12.25 5.51
CA ARG A 3 -7.83 -11.99 5.32
C ARG A 3 -7.45 -10.56 5.67
N SER A 4 -8.40 -9.64 5.57
N SER A 4 -8.40 -9.64 5.58
CA SER A 4 -8.19 -8.24 5.90
CA SER A 4 -8.15 -8.27 5.97
C SER A 4 -9.44 -7.67 6.56
C SER A 4 -9.42 -7.67 6.56
N VAL A 5 -9.22 -6.77 7.53
CA VAL A 5 -10.29 -6.10 8.27
C VAL A 5 -9.86 -4.66 8.49
N ASP A 6 -10.80 -3.72 8.40
CA ASP A 6 -10.50 -2.32 8.71
C ASP A 6 -11.78 -1.65 9.22
N TRP A 7 -11.90 -1.55 10.54
CA TRP A 7 -13.10 -0.99 11.16
C TRP A 7 -13.28 0.50 10.89
N ARG A 8 -12.24 1.19 10.42
CA ARG A 8 -12.42 2.60 10.05
C ARG A 8 -13.44 2.74 8.92
N GLU A 9 -13.43 1.82 7.96
CA GLU A 9 -14.37 1.85 6.84
C GLU A 9 -15.80 1.55 7.25
N LYS A 10 -16.02 1.00 8.44
CA LYS A 10 -17.35 0.76 8.96
C LYS A 10 -17.85 1.85 9.89
N GLY A 11 -17.06 2.90 10.14
CA GLY A 11 -17.49 3.99 10.99
C GLY A 11 -17.19 3.83 12.46
N TYR A 12 -16.33 2.88 12.83
CA TYR A 12 -16.11 2.54 14.22
C TYR A 12 -15.08 3.42 14.93
N VAL A 13 -14.30 4.24 14.22
CA VAL A 13 -13.06 4.79 14.76
C VAL A 13 -13.04 6.31 14.64
N THR A 14 -12.76 7.01 15.75
CA THR A 14 -12.61 8.46 15.74
C THR A 14 -11.24 8.84 15.16
N PRO A 15 -11.01 10.11 14.85
CA PRO A 15 -9.69 10.50 14.36
C PRO A 15 -8.59 10.26 15.39
N VAL A 16 -7.35 10.26 14.92
CA VAL A 16 -6.19 10.09 15.79
C VAL A 16 -6.12 11.24 16.79
N LYS A 17 -5.84 10.92 18.05
CA LYS A 17 -5.71 11.90 19.12
C LYS A 17 -4.25 11.98 19.57
N ASN A 18 -3.96 12.89 20.48
CA ASN A 18 -2.59 13.10 20.94
C ASN A 18 -2.57 13.19 22.47
N GLN A 19 -1.97 12.19 23.11
CA GLN A 19 -1.88 12.15 24.57
C GLN A 19 -0.89 13.17 25.11
N GLY A 20 -0.11 13.81 24.25
CA GLY A 20 0.90 14.70 24.78
C GLY A 20 1.98 13.93 25.51
N GLN A 21 2.52 14.54 26.57
CA GLN A 21 3.58 13.92 27.36
C GLN A 21 3.06 13.20 28.60
N CYS A 22 1.76 13.15 28.78
CA CYS A 22 1.17 12.43 29.89
C CYS A 22 1.15 10.94 29.59
N GLY A 23 1.40 10.10 30.60
CA GLY A 23 1.41 8.66 30.44
C GLY A 23 0.01 8.10 30.44
N SER A 24 -0.83 8.61 29.55
CA SER A 24 -2.26 8.30 29.54
C SER A 24 -2.65 7.42 28.37
N CYS A 25 -1.67 6.73 27.75
CA CYS A 25 -1.94 5.87 26.60
C CYS A 25 -3.08 4.90 26.85
N TRP A 26 -3.16 4.37 28.07
CA TRP A 26 -4.21 3.43 28.46
C TRP A 26 -5.61 4.03 28.33
N ALA A 27 -5.74 5.34 28.59
CA ALA A 27 -7.05 5.99 28.49
C ALA A 27 -7.45 6.15 27.03
N PHE A 28 -6.50 6.47 26.15
CA PHE A 28 -6.79 6.58 24.73
C PHE A 28 -7.14 5.22 24.14
N SER A 29 -6.43 4.18 24.54
CA SER A 29 -6.77 2.85 24.06
C SER A 29 -8.17 2.44 24.54
N ALA A 30 -8.49 2.75 25.80
CA ALA A 30 -9.80 2.38 26.33
C ALA A 30 -10.92 3.19 25.66
N THR A 31 -10.76 4.51 25.53
CA THR A 31 -11.80 5.26 24.84
C THR A 31 -11.97 4.78 23.41
N GLY A 32 -10.87 4.44 22.73
CA GLY A 32 -10.99 3.94 21.36
C GLY A 32 -11.83 2.68 21.29
N ALA A 33 -11.59 1.74 22.20
CA ALA A 33 -12.39 0.51 22.18
C ALA A 33 -13.84 0.78 22.55
N LEU A 34 -14.08 1.69 23.50
CA LEU A 34 -15.46 1.99 23.90
C LEU A 34 -16.19 2.79 22.82
N GLU A 35 -15.48 3.70 22.14
CA GLU A 35 -16.06 4.38 20.97
C GLU A 35 -16.55 3.37 19.94
N GLY A 36 -15.76 2.31 19.70
CA GLY A 36 -16.16 1.30 18.75
C GLY A 36 -17.37 0.50 19.22
N GLN A 37 -17.38 0.09 20.48
CA GLN A 37 -18.52 -0.72 20.95
C GLN A 37 -19.78 0.13 21.11
N MET A 38 -19.64 1.40 21.50
CA MET A 38 -20.83 2.25 21.53
C MET A 38 -21.38 2.47 20.12
N PHE A 39 -20.51 2.64 19.14
CA PHE A 39 -20.98 2.79 17.76
C PHE A 39 -21.68 1.51 17.31
N ARG A 40 -21.07 0.36 17.59
CA ARG A 40 -21.71 -0.93 17.30
C ARG A 40 -23.13 -0.99 17.86
N LYS A 41 -23.33 -0.44 19.06
CA LYS A 41 -24.63 -0.55 19.70
C LYS A 41 -25.63 0.47 19.16
N THR A 42 -25.21 1.73 19.06
CA THR A 42 -26.12 2.85 18.84
C THR A 42 -26.05 3.44 17.44
N GLY A 43 -25.03 3.10 16.66
CA GLY A 43 -24.84 3.71 15.36
C GLY A 43 -24.35 5.15 15.40
N ARG A 44 -23.92 5.62 16.56
CA ARG A 44 -23.41 6.97 16.72
C ARG A 44 -21.98 6.92 17.23
N LEU A 45 -21.07 7.56 16.49
CA LEU A 45 -19.67 7.67 16.87
C LEU A 45 -19.48 8.97 17.65
N ILE A 46 -19.16 8.85 18.94
CA ILE A 46 -18.98 10.01 19.81
C ILE A 46 -17.62 9.88 20.50
N SER A 47 -16.75 10.86 20.29
CA SER A 47 -15.47 10.91 20.96
C SER A 47 -15.64 11.03 22.47
N LEU A 48 -14.91 10.20 23.22
CA LEU A 48 -15.03 10.03 24.65
C LEU A 48 -13.86 10.71 25.37
N SER A 49 -14.07 11.00 26.66
CA SER A 49 -13.15 11.85 27.42
C SER A 49 -12.05 11.00 28.06
N GLU A 50 -10.83 11.08 27.53
CA GLU A 50 -9.69 10.46 28.20
C GLU A 50 -9.38 11.15 29.52
N GLN A 51 -9.60 12.47 29.60
CA GLN A 51 -9.33 13.18 30.86
C GLN A 51 -10.23 12.66 31.98
N ASN A 52 -11.47 12.32 31.65
CA ASN A 52 -12.37 11.69 32.61
C ASN A 52 -11.73 10.45 33.21
N LEU A 53 -11.12 9.61 32.37
CA LEU A 53 -10.48 8.39 32.87
C LEU A 53 -9.25 8.72 33.70
N VAL A 54 -8.40 9.63 33.19
CA VAL A 54 -7.17 10.00 33.89
C VAL A 54 -7.48 10.55 35.29
N ASP A 55 -8.49 11.42 35.41
CA ASP A 55 -8.76 12.07 36.69
C ASP A 55 -9.48 11.15 37.67
N CYS A 56 -10.28 10.20 37.18
CA CYS A 56 -11.32 9.60 38.01
C CYS A 56 -11.20 8.09 38.25
N SER A 57 -10.42 7.37 37.45
CA SER A 57 -10.39 5.91 37.55
C SER A 57 -9.28 5.39 38.44
N GLY A 58 -8.70 6.25 39.29
CA GLY A 58 -7.78 5.79 40.31
C GLY A 58 -8.29 4.67 41.20
N PRO A 59 -9.53 4.73 41.68
CA PRO A 59 -9.99 3.65 42.59
C PRO A 59 -10.05 2.30 41.91
N GLN A 60 -10.12 2.25 40.59
CA GLN A 60 -10.09 0.97 39.90
C GLN A 60 -8.67 0.45 39.68
N GLY A 61 -7.64 1.21 40.06
CA GLY A 61 -6.26 0.79 39.91
C GLY A 61 -5.41 1.67 39.01
N ASN A 62 -5.98 2.65 38.32
CA ASN A 62 -5.18 3.46 37.41
C ASN A 62 -4.43 4.55 38.15
N GLU A 63 -3.39 5.07 37.50
CA GLU A 63 -2.48 6.02 38.14
C GLU A 63 -2.28 7.26 37.27
N GLY A 64 -3.34 7.68 36.58
CA GLY A 64 -3.34 8.98 35.95
C GLY A 64 -2.29 9.10 34.86
N CYS A 65 -1.50 10.17 34.89
CA CYS A 65 -0.41 10.32 33.93
C CYS A 65 0.77 9.42 34.21
N ASN A 66 0.77 8.67 35.31
CA ASN A 66 1.84 7.72 35.57
C ASN A 66 1.52 6.34 35.03
N GLY A 67 0.39 6.15 34.38
CA GLY A 67 0.08 4.89 33.72
C GLY A 67 -1.23 4.30 34.21
N GLY A 68 -1.64 3.24 33.52
CA GLY A 68 -2.91 2.61 33.81
C GLY A 68 -3.11 1.43 32.90
N LEU A 69 -4.27 0.79 33.06
CA LEU A 69 -4.64 -0.39 32.29
C LEU A 69 -6.02 -0.16 31.69
N MET A 70 -6.21 -0.62 30.46
CA MET A 70 -7.50 -0.44 29.80
C MET A 70 -8.62 -1.11 30.58
N ASP A 71 -8.37 -2.31 31.12
CA ASP A 71 -9.43 -3.02 31.84
C ASP A 71 -9.87 -2.25 33.08
N TYR A 72 -8.94 -1.58 33.75
CA TYR A 72 -9.33 -0.73 34.87
C TYR A 72 -10.23 0.41 34.40
N ALA A 73 -9.96 0.94 33.20
CA ALA A 73 -10.81 2.00 32.65
C ALA A 73 -12.21 1.48 32.37
N PHE A 74 -12.30 0.29 31.78
CA PHE A 74 -13.61 -0.28 31.51
C PHE A 74 -14.38 -0.53 32.81
N GLN A 75 -13.68 -0.99 33.84
CA GLN A 75 -14.30 -1.18 35.14
C GLN A 75 -14.81 0.14 35.72
N TYR A 76 -14.05 1.21 35.55
CA TYR A 76 -14.50 2.51 36.02
C TYR A 76 -15.81 2.91 35.35
N VAL A 77 -15.87 2.81 34.02
CA VAL A 77 -17.09 3.23 33.33
C VAL A 77 -18.28 2.45 33.86
N GLN A 78 -18.10 1.15 34.12
CA GLN A 78 -19.17 0.35 34.70
C GLN A 78 -19.51 0.80 36.12
N ASP A 79 -18.50 0.91 36.99
CA ASP A 79 -18.71 1.32 38.38
C ASP A 79 -19.35 2.68 38.47
N ASN A 80 -18.89 3.62 37.63
CA ASN A 80 -19.30 5.01 37.67
C ASN A 80 -20.69 5.22 37.08
N GLY A 81 -21.15 4.29 36.25
CA GLY A 81 -22.40 4.47 35.54
C GLY A 81 -22.34 5.41 34.36
N GLY A 82 -21.17 5.69 33.83
CA GLY A 82 -21.10 6.55 32.66
C GLY A 82 -19.70 7.08 32.40
N LEU A 83 -19.60 7.81 31.29
CA LEU A 83 -18.35 8.44 30.90
C LEU A 83 -18.69 9.66 30.06
N ASP A 84 -18.05 10.79 30.34
CA ASP A 84 -18.38 12.02 29.63
C ASP A 84 -17.79 12.05 28.23
N SER A 85 -18.41 12.86 27.36
CA SER A 85 -17.89 13.03 26.03
C SER A 85 -16.60 13.85 26.05
N GLU A 86 -15.80 13.66 25.00
CA GLU A 86 -14.59 14.47 24.82
C GLU A 86 -14.92 15.94 24.81
N GLU A 87 -16.01 16.31 24.14
CA GLU A 87 -16.38 17.72 24.02
C GLU A 87 -16.71 18.32 25.38
N SER A 88 -17.38 17.56 26.25
CA SER A 88 -17.79 18.07 27.56
C SER A 88 -16.66 18.07 28.58
N TYR A 89 -15.64 17.24 28.40
CA TYR A 89 -14.59 17.03 29.40
C TYR A 89 -13.28 16.90 28.64
N PRO A 90 -12.76 18.00 28.09
CA PRO A 90 -11.65 17.92 27.14
C PRO A 90 -10.32 17.55 27.79
N TYR A 91 -9.38 17.16 26.93
CA TYR A 91 -8.12 16.58 27.37
C TYR A 91 -7.11 17.66 27.72
N GLU A 92 -6.52 17.56 28.91
CA GLU A 92 -5.57 18.55 29.39
C GLU A 92 -4.16 18.03 29.57
N ALA A 93 -3.95 16.71 29.40
CA ALA A 93 -2.63 16.08 29.46
C ALA A 93 -1.96 16.28 30.82
N THR A 94 -2.75 16.45 31.88
CA THR A 94 -2.20 16.49 33.22
C THR A 94 -3.27 15.98 34.18
N GLU A 95 -2.83 15.40 35.29
CA GLU A 95 -3.80 14.83 36.23
C GLU A 95 -4.35 15.92 37.13
N GLU A 96 -5.67 15.95 37.26
CA GLU A 96 -6.39 16.92 38.07
C GLU A 96 -7.44 16.16 38.86
N SER A 97 -8.18 16.86 39.72
CA SER A 97 -9.23 16.17 40.46
C SER A 97 -10.37 15.80 39.52
N CYS A 98 -11.12 14.78 39.93
N CYS A 98 -11.14 14.79 39.94
CA CYS A 98 -12.23 14.27 39.13
CA CYS A 98 -12.23 14.27 39.12
C CYS A 98 -13.34 15.31 38.97
C CYS A 98 -13.35 15.28 38.97
N LYS A 99 -13.79 15.50 37.73
CA LYS A 99 -14.85 16.47 37.44
C LYS A 99 -16.01 15.84 36.67
N TYR A 100 -16.17 14.52 36.78
CA TYR A 100 -17.23 13.83 36.06
C TYR A 100 -18.60 14.43 36.37
N ASN A 101 -19.41 14.58 35.33
CA ASN A 101 -20.76 15.12 35.45
C ASN A 101 -21.68 14.11 34.77
N PRO A 102 -22.54 13.40 35.51
CA PRO A 102 -23.39 12.41 34.84
C PRO A 102 -24.28 12.99 33.76
N LYS A 103 -24.65 14.28 33.84
CA LYS A 103 -25.52 14.85 32.82
C LYS A 103 -24.90 14.81 31.44
N TYR A 104 -23.57 14.79 31.35
CA TYR A 104 -22.87 14.77 30.08
C TYR A 104 -22.31 13.40 29.73
N SER A 105 -22.67 12.35 30.47
CA SER A 105 -22.33 10.99 30.08
C SER A 105 -22.92 10.61 28.72
N VAL A 106 -22.10 10.01 27.86
CA VAL A 106 -22.58 9.56 26.55
C VAL A 106 -22.22 8.10 26.28
N ALA A 107 -21.65 7.41 27.26
CA ALA A 107 -21.22 6.03 27.07
C ALA A 107 -21.35 5.26 28.36
N ASN A 108 -21.53 3.94 28.22
CA ASN A 108 -21.59 3.02 29.34
C ASN A 108 -20.96 1.69 28.92
N ASP A 109 -20.63 0.86 29.92
CA ASP A 109 -20.33 -0.53 29.63
C ASP A 109 -20.68 -1.37 30.85
N ALA A 110 -20.79 -2.68 30.62
CA ALA A 110 -21.18 -3.64 31.63
C ALA A 110 -20.05 -4.62 31.91
N GLY A 111 -18.83 -4.14 31.87
CA GLY A 111 -17.69 -5.01 32.02
C GLY A 111 -16.83 -5.08 30.78
N PHE A 112 -16.02 -6.13 30.69
CA PHE A 112 -15.04 -6.24 29.63
C PHE A 112 -14.73 -7.73 29.44
N VAL A 113 -14.03 -8.02 28.36
CA VAL A 113 -13.66 -9.38 27.99
C VAL A 113 -12.16 -9.39 27.72
N ASP A 114 -11.44 -10.31 28.37
CA ASP A 114 -10.02 -10.50 28.10
C ASP A 114 -9.84 -11.62 27.08
N ILE A 115 -9.08 -11.33 26.03
CA ILE A 115 -8.88 -12.28 24.93
C ILE A 115 -7.73 -13.21 25.30
N PRO A 116 -7.80 -14.50 24.98
CA PRO A 116 -6.66 -15.39 25.21
C PRO A 116 -5.40 -14.89 24.52
N LYS A 117 -4.25 -15.22 25.11
CA LYS A 117 -2.97 -14.63 24.71
C LYS A 117 -2.37 -15.33 23.49
N GLN A 118 -3.13 -15.32 22.39
CA GLN A 118 -2.68 -15.87 21.12
C GLN A 118 -3.15 -14.96 20.00
N GLU A 119 -2.31 -14.81 18.97
CA GLU A 119 -2.68 -13.93 17.87
C GLU A 119 -3.89 -14.47 17.11
N LYS A 120 -4.09 -15.78 17.09
CA LYS A 120 -5.27 -16.33 16.44
C LYS A 120 -6.55 -15.87 17.13
N ALA A 121 -6.54 -15.81 18.46
CA ALA A 121 -7.71 -15.34 19.19
C ALA A 121 -7.90 -13.84 19.03
N LEU A 122 -6.80 -13.07 19.03
CA LEU A 122 -6.91 -11.65 18.71
C LEU A 122 -7.51 -11.44 17.32
N MET A 123 -7.09 -12.24 16.35
CA MET A 123 -7.64 -12.07 15.00
C MET A 123 -9.14 -12.32 15.01
N LYS A 124 -9.59 -13.37 15.69
CA LYS A 124 -11.01 -13.67 15.75
C LYS A 124 -11.79 -12.55 16.40
N ALA A 125 -11.27 -11.97 17.49
CA ALA A 125 -11.95 -10.86 18.14
C ALA A 125 -11.98 -9.63 17.24
N VAL A 126 -10.87 -9.31 16.57
CA VAL A 126 -10.87 -8.15 15.69
C VAL A 126 -11.87 -8.36 14.56
N ALA A 127 -11.96 -9.59 14.06
CA ALA A 127 -12.85 -9.83 12.93
C ALA A 127 -14.32 -9.75 13.32
N THR A 128 -14.65 -10.02 14.59
CA THR A 128 -16.04 -10.19 14.96
C THR A 128 -16.58 -9.15 15.93
N VAL A 129 -15.72 -8.43 16.64
CA VAL A 129 -16.12 -7.51 17.69
C VAL A 129 -16.00 -6.06 17.24
N GLY A 130 -14.84 -5.69 16.71
CA GLY A 130 -14.53 -4.32 16.45
C GLY A 130 -13.13 -4.02 16.94
N PRO A 131 -12.80 -2.74 17.08
CA PRO A 131 -11.47 -2.37 17.58
C PRO A 131 -11.22 -2.93 18.97
N ILE A 132 -9.99 -3.39 19.18
CA ILE A 132 -9.58 -4.10 20.39
C ILE A 132 -8.44 -3.33 21.06
N SER A 133 -8.58 -3.12 22.37
CA SER A 133 -7.48 -2.53 23.15
C SER A 133 -6.37 -3.56 23.35
N VAL A 134 -5.12 -3.14 23.13
CA VAL A 134 -3.96 -4.01 23.31
C VAL A 134 -2.83 -3.19 23.94
N ALA A 135 -1.90 -3.90 24.57
CA ALA A 135 -0.66 -3.32 25.07
C ALA A 135 0.52 -3.84 24.27
N ILE A 136 1.48 -2.96 23.98
CA ILE A 136 2.64 -3.33 23.16
C ILE A 136 3.92 -2.79 23.79
N ASP A 137 5.04 -3.43 23.44
CA ASP A 137 6.37 -2.93 23.75
C ASP A 137 6.72 -1.88 22.70
N ALA A 138 6.53 -0.60 23.04
CA ALA A 138 6.84 0.51 22.16
C ALA A 138 8.14 1.21 22.54
N GLY A 139 8.94 0.61 23.42
CA GLY A 139 10.13 1.27 23.94
C GLY A 139 11.38 1.12 23.11
N HIS A 140 11.31 1.51 21.83
CA HIS A 140 12.45 1.43 20.93
C HIS A 140 12.42 2.63 19.98
N GLU A 141 13.61 3.13 19.63
CA GLU A 141 13.69 4.31 18.78
C GLU A 141 13.08 4.05 17.41
N SER A 142 13.17 2.80 16.92
CA SER A 142 12.53 2.45 15.65
C SER A 142 11.03 2.75 15.68
N PHE A 143 10.39 2.61 16.84
CA PHE A 143 8.97 2.92 16.93
C PHE A 143 8.73 4.43 16.83
N LEU A 144 9.64 5.23 17.40
CA LEU A 144 9.49 6.67 17.32
C LEU A 144 9.58 7.16 15.88
N PHE A 145 10.46 6.55 15.09
CA PHE A 145 10.77 7.04 13.75
C PHE A 145 9.94 6.37 12.67
N TYR A 146 8.98 5.54 13.05
CA TYR A 146 8.23 4.77 12.07
C TYR A 146 7.56 5.70 11.06
N LYS A 147 7.70 5.39 9.77
CA LYS A 147 7.07 6.17 8.70
C LYS A 147 6.02 5.40 7.91
N GLU A 148 6.29 4.14 7.57
CA GLU A 148 5.43 3.33 6.72
C GLU A 148 5.92 1.90 6.77
N GLY A 149 5.15 1.01 6.13
CA GLY A 149 5.54 -0.38 6.06
C GLY A 149 5.16 -1.14 7.32
N ILE A 150 5.62 -2.38 7.36
CA ILE A 150 5.31 -3.29 8.47
C ILE A 150 6.41 -3.12 9.50
N TYR A 151 6.03 -2.72 10.70
CA TYR A 151 6.99 -2.48 11.77
C TYR A 151 7.44 -3.81 12.37
N PHE A 152 8.74 -4.06 12.37
CA PHE A 152 9.31 -5.23 13.02
C PHE A 152 10.58 -4.81 13.74
N GLU A 153 10.61 -5.07 15.04
CA GLU A 153 11.72 -4.67 15.90
C GLU A 153 12.31 -5.94 16.50
N PRO A 154 13.51 -6.37 16.08
CA PRO A 154 14.06 -7.63 16.61
C PRO A 154 14.26 -7.64 18.11
N ASP A 155 14.41 -6.49 18.75
CA ASP A 155 14.58 -6.42 20.19
C ASP A 155 13.27 -6.29 20.93
N CYS A 156 12.13 -6.43 20.25
CA CYS A 156 10.86 -6.24 20.92
C CYS A 156 10.56 -7.40 21.86
N SER A 157 9.94 -7.09 22.99
CA SER A 157 9.57 -8.07 24.00
C SER A 157 8.10 -8.45 23.87
N SER A 158 7.82 -9.76 23.93
N SER A 158 7.82 -9.76 23.93
CA SER A 158 6.46 -10.26 23.90
CA SER A 158 6.45 -10.25 23.90
C SER A 158 5.81 -10.29 25.28
C SER A 158 5.81 -10.29 25.28
N GLU A 159 6.56 -10.02 26.33
CA GLU A 159 6.06 -10.11 27.70
C GLU A 159 6.06 -8.79 28.45
N ASP A 160 6.93 -7.86 28.10
CA ASP A 160 7.07 -6.59 28.82
C ASP A 160 6.59 -5.47 27.92
N MET A 161 5.31 -5.12 28.05
CA MET A 161 4.68 -4.04 27.31
C MET A 161 4.71 -2.76 28.12
N ASP A 162 4.66 -1.62 27.41
CA ASP A 162 4.70 -0.33 28.09
C ASP A 162 3.72 0.69 27.50
N HIS A 163 2.85 0.29 26.59
CA HIS A 163 2.11 1.27 25.79
C HIS A 163 0.78 0.64 25.38
N GLY A 164 -0.32 1.36 25.61
CA GLY A 164 -1.64 0.92 25.22
C GLY A 164 -2.05 1.54 23.89
N VAL A 165 -2.51 0.71 22.97
CA VAL A 165 -2.92 1.19 21.66
C VAL A 165 -4.19 0.45 21.25
N LEU A 166 -4.62 0.62 20.01
CA LEU A 166 -5.92 0.11 19.57
C LEU A 166 -5.75 -0.56 18.21
N VAL A 167 -6.11 -1.85 18.14
CA VAL A 167 -6.09 -2.59 16.88
C VAL A 167 -7.43 -2.35 16.20
N VAL A 168 -7.40 -1.70 15.04
CA VAL A 168 -8.62 -1.41 14.30
C VAL A 168 -8.78 -2.30 13.09
N GLY A 169 -7.85 -3.23 12.86
CA GLY A 169 -7.96 -4.14 11.74
C GLY A 169 -6.67 -4.89 11.52
N TYR A 170 -6.57 -5.57 10.38
CA TYR A 170 -5.34 -6.27 10.00
C TYR A 170 -5.38 -6.51 8.50
N GLY A 171 -4.24 -6.88 7.95
CA GLY A 171 -4.15 -7.12 6.52
C GLY A 171 -2.80 -7.63 6.11
N PHE A 172 -2.46 -7.44 4.84
CA PHE A 172 -1.20 -7.94 4.33
C PHE A 172 -0.69 -7.02 3.22
N GLU A 173 0.61 -7.09 2.98
CA GLU A 173 1.23 -6.51 1.79
C GLU A 173 2.55 -7.23 1.53
N SER A 174 2.91 -7.38 0.26
CA SER A 174 4.15 -8.07 -0.08
C SER A 174 5.36 -7.30 0.43
N THR A 175 6.33 -8.04 0.92
CA THR A 175 7.56 -7.48 1.49
C THR A 175 8.76 -8.25 1.02
N GLU A 176 9.93 -7.64 1.18
CA GLU A 176 11.20 -8.28 0.85
C GLU A 176 11.35 -9.62 1.54
N SER A 177 11.01 -9.67 2.84
CA SER A 177 11.25 -10.85 3.67
C SER A 177 10.10 -11.84 3.63
N ASP A 178 9.00 -11.48 2.97
CA ASP A 178 7.81 -12.33 2.85
C ASP A 178 7.15 -12.55 4.20
N ASN A 179 7.42 -11.65 5.15
CA ASN A 179 6.64 -11.55 6.39
C ASN A 179 5.62 -10.45 6.12
N ASN A 180 4.46 -10.84 5.58
CA ASN A 180 3.60 -9.91 4.89
C ASN A 180 2.39 -9.46 5.68
N LYS A 181 2.13 -10.04 6.86
CA LYS A 181 0.91 -9.74 7.58
C LYS A 181 1.13 -8.69 8.67
N TYR A 182 0.11 -7.87 8.89
CA TYR A 182 0.21 -6.82 9.88
C TYR A 182 -1.10 -6.59 10.62
N TRP A 183 -0.97 -6.13 11.86
CA TRP A 183 -2.07 -5.52 12.60
C TRP A 183 -2.10 -4.03 12.31
N LEU A 184 -3.29 -3.51 12.03
CA LEU A 184 -3.47 -2.08 11.78
C LEU A 184 -3.76 -1.41 13.12
N VAL A 185 -2.86 -0.54 13.57
CA VAL A 185 -2.87 -0.09 14.95
C VAL A 185 -2.96 1.43 14.98
N LYS A 186 -3.93 1.93 15.76
CA LYS A 186 -4.13 3.35 15.98
C LYS A 186 -3.35 3.74 17.22
N ASN A 187 -2.44 4.71 17.09
CA ASN A 187 -1.66 5.24 18.19
C ASN A 187 -2.32 6.54 18.69
N SER A 188 -1.76 7.09 19.77
CA SER A 188 -2.27 8.32 20.37
C SER A 188 -1.17 9.35 20.50
N TRP A 189 -0.31 9.45 19.46
CA TRP A 189 0.79 10.42 19.42
C TRP A 189 0.59 11.47 18.35
N GLY A 190 -0.65 11.68 17.91
CA GLY A 190 -0.96 12.65 16.87
C GLY A 190 -0.79 12.10 15.46
N GLU A 191 -1.19 12.93 14.50
CA GLU A 191 -1.18 12.58 13.08
C GLU A 191 0.21 12.58 12.47
N GLU A 192 1.15 13.33 13.02
CA GLU A 192 2.48 13.48 12.45
C GLU A 192 3.33 12.25 12.68
N TRP A 193 3.01 11.44 13.68
CA TRP A 193 3.70 10.19 13.92
C TRP A 193 3.20 9.12 12.95
N GLY A 194 4.13 8.29 12.47
CA GLY A 194 3.79 7.13 11.66
C GLY A 194 3.04 7.51 10.40
N MET A 195 2.10 6.65 10.01
CA MET A 195 1.27 6.85 8.82
C MET A 195 -0.03 7.53 9.25
N GLY A 196 -0.01 8.85 9.34
CA GLY A 196 -1.19 9.55 9.80
C GLY A 196 -1.59 9.17 11.21
N GLY A 197 -0.63 8.74 12.03
CA GLY A 197 -0.91 8.33 13.40
C GLY A 197 -1.13 6.84 13.58
N TYR A 198 -1.02 6.07 12.50
CA TYR A 198 -1.22 4.64 12.45
C TYR A 198 0.12 3.93 12.24
N VAL A 199 0.18 2.67 12.68
CA VAL A 199 1.33 1.81 12.43
C VAL A 199 0.80 0.44 12.03
N LYS A 200 1.47 -0.18 11.05
CA LYS A 200 1.23 -1.58 10.69
C LYS A 200 2.25 -2.43 11.45
N MET A 201 1.78 -3.16 12.45
N MET A 201 1.77 -3.14 12.46
CA MET A 201 2.67 -3.93 13.29
CA MET A 201 2.61 -3.94 13.34
C MET A 201 2.68 -5.39 12.86
C MET A 201 2.68 -5.38 12.84
N ALA A 202 3.88 -5.97 12.89
CA ALA A 202 4.06 -7.36 12.42
C ALA A 202 3.05 -8.29 13.08
N LYS A 203 2.40 -9.10 12.23
CA LYS A 203 1.36 -10.03 12.65
C LYS A 203 1.78 -11.45 12.33
N ASP A 204 1.46 -12.35 13.26
CA ASP A 204 1.78 -13.77 13.15
C ASP A 204 3.29 -13.99 13.08
N ARG A 205 4.04 -13.13 13.77
CA ARG A 205 5.46 -13.33 14.00
C ARG A 205 5.74 -13.51 15.48
N ARG A 206 5.18 -14.57 16.06
CA ARG A 206 5.43 -14.95 17.46
C ARG A 206 5.07 -13.82 18.42
N ASN A 207 3.87 -13.26 18.24
CA ASN A 207 3.32 -12.26 19.15
C ASN A 207 4.28 -11.08 19.30
N HIS A 208 4.59 -10.46 18.16
CA HIS A 208 5.61 -9.42 18.10
C HIS A 208 5.21 -8.23 18.97
N CYS A 209 6.13 -7.79 19.82
CA CYS A 209 5.93 -6.70 20.78
C CYS A 209 4.79 -6.97 21.77
N GLY A 210 4.33 -8.22 21.85
CA GLY A 210 3.35 -8.60 22.85
C GLY A 210 1.93 -8.16 22.54
N ILE A 211 1.60 -7.97 21.27
CA ILE A 211 0.34 -7.33 20.91
C ILE A 211 -0.86 -8.18 21.32
N ALA A 212 -0.69 -9.50 21.42
CA ALA A 212 -1.78 -10.36 21.83
C ALA A 212 -1.71 -10.76 23.29
N SER A 213 -0.80 -10.16 24.09
CA SER A 213 -0.61 -10.59 25.47
C SER A 213 -1.55 -9.93 26.46
N ALA A 214 -2.13 -8.77 26.13
CA ALA A 214 -3.05 -8.07 27.00
C ALA A 214 -4.14 -7.39 26.16
N ALA A 215 -4.90 -8.19 25.42
CA ALA A 215 -5.94 -7.68 24.54
C ALA A 215 -7.30 -7.78 25.22
N SER A 216 -8.15 -6.78 25.02
CA SER A 216 -9.45 -6.78 25.68
C SER A 216 -10.37 -5.75 25.04
N TYR A 217 -11.66 -5.86 25.36
CA TYR A 217 -12.63 -4.89 24.87
C TYR A 217 -13.78 -4.77 25.85
N PRO A 218 -14.47 -3.63 25.88
CA PRO A 218 -15.60 -3.47 26.80
C PRO A 218 -16.85 -4.16 26.27
N THR A 219 -17.71 -4.57 27.20
CA THR A 219 -19.02 -5.11 26.87
C THR A 219 -20.04 -3.99 27.01
N VAL A 220 -20.78 -3.75 25.94
CA VAL A 220 -21.72 -2.65 25.92
C VAL A 220 -23.12 -3.22 25.73
N ALA B 1 -4.40 -4.84 -20.20
CA ALA B 1 -4.49 -6.29 -20.27
C ALA B 1 -5.34 -6.72 -21.48
N PRO B 2 -5.10 -7.91 -22.02
CA PRO B 2 -5.98 -8.44 -23.05
C PRO B 2 -7.39 -8.66 -22.51
N ARG B 3 -8.33 -8.79 -23.44
CA ARG B 3 -9.72 -8.98 -23.03
C ARG B 3 -9.99 -10.40 -22.58
N SER B 4 -9.18 -11.35 -23.01
CA SER B 4 -9.28 -12.70 -22.49
C SER B 4 -7.90 -13.33 -22.49
N VAL B 5 -7.72 -14.27 -21.56
CA VAL B 5 -6.44 -14.95 -21.33
C VAL B 5 -6.77 -16.41 -21.03
N ASP B 6 -5.92 -17.31 -21.53
CA ASP B 6 -6.03 -18.73 -21.20
C ASP B 6 -4.62 -19.30 -21.29
N TRP B 7 -3.98 -19.46 -20.14
CA TRP B 7 -2.59 -19.91 -20.11
C TRP B 7 -2.46 -21.38 -20.51
N ARG B 8 -3.56 -22.14 -20.57
CA ARG B 8 -3.45 -23.50 -21.08
C ARG B 8 -2.95 -23.51 -22.52
N GLU B 9 -3.34 -22.52 -23.31
CA GLU B 9 -2.97 -22.54 -24.72
C GLU B 9 -1.52 -22.16 -24.93
N LYS B 10 -0.85 -21.62 -23.91
CA LYS B 10 0.55 -21.26 -24.00
C LYS B 10 1.48 -22.31 -23.40
N GLY B 11 0.94 -23.38 -22.80
CA GLY B 11 1.77 -24.44 -22.26
C GLY B 11 2.11 -24.33 -20.80
N TYR B 12 1.41 -23.47 -20.06
CA TYR B 12 1.72 -23.23 -18.65
C TYR B 12 1.04 -24.19 -17.69
N VAL B 13 0.09 -25.04 -18.12
CA VAL B 13 -0.83 -25.69 -17.20
C VAL B 13 -0.83 -27.20 -17.42
N THR B 14 -0.64 -27.96 -16.34
CA THR B 14 -0.72 -29.41 -16.39
C THR B 14 -2.19 -29.85 -16.41
N PRO B 15 -2.46 -31.12 -16.72
CA PRO B 15 -3.84 -31.62 -16.66
C PRO B 15 -4.42 -31.51 -15.24
N VAL B 16 -5.75 -31.59 -15.17
CA VAL B 16 -6.44 -31.58 -13.88
C VAL B 16 -6.06 -32.80 -13.06
N LYS B 17 -5.80 -32.57 -11.77
CA LYS B 17 -5.44 -33.60 -10.80
C LYS B 17 -6.58 -33.77 -9.80
N ASN B 18 -6.44 -34.75 -8.92
CA ASN B 18 -7.51 -35.05 -7.95
C ASN B 18 -6.91 -35.24 -6.57
N GLN B 19 -7.22 -34.33 -5.67
CA GLN B 19 -6.70 -34.39 -4.31
C GLN B 19 -7.32 -35.52 -3.51
N GLY B 20 -8.38 -36.16 -4.00
CA GLY B 20 -9.04 -37.21 -3.23
C GLY B 20 -9.69 -36.66 -1.97
N GLN B 21 -9.75 -37.48 -0.94
CA GLN B 21 -10.42 -37.05 0.29
C GLN B 21 -9.51 -36.29 1.23
N CYS B 22 -8.30 -35.98 0.79
CA CYS B 22 -7.32 -35.30 1.61
C CYS B 22 -7.51 -33.79 1.46
N GLY B 23 -7.42 -33.04 2.56
CA GLY B 23 -7.56 -31.59 2.53
C GLY B 23 -6.31 -30.87 2.03
N SER B 24 -5.90 -31.21 0.81
CA SER B 24 -4.63 -30.76 0.27
C SER B 24 -4.79 -29.79 -0.91
N CYS B 25 -5.96 -29.14 -1.00
CA CYS B 25 -6.22 -28.22 -2.11
C CYS B 25 -5.09 -27.20 -2.24
N TRP B 26 -4.58 -26.74 -1.09
CA TRP B 26 -3.51 -25.75 -1.04
C TRP B 26 -2.25 -26.22 -1.75
N ALA B 27 -1.96 -27.52 -1.69
CA ALA B 27 -0.78 -28.08 -2.34
C ALA B 27 -0.96 -28.11 -3.85
N PHE B 28 -2.16 -28.46 -4.33
CA PHE B 28 -2.43 -28.45 -5.76
C PHE B 28 -2.45 -27.05 -6.31
N SER B 29 -3.04 -26.11 -5.58
CA SER B 29 -3.00 -24.72 -6.03
C SER B 29 -1.54 -24.25 -6.13
N ALA B 30 -0.73 -24.58 -5.13
CA ALA B 30 0.67 -24.16 -5.12
C ALA B 30 1.47 -24.81 -6.25
N THR B 31 1.35 -26.14 -6.44
CA THR B 31 2.09 -26.74 -7.54
C THR B 31 1.63 -26.16 -8.88
N GLY B 32 0.33 -25.87 -9.01
CA GLY B 32 -0.15 -25.24 -10.24
C GLY B 32 0.51 -23.90 -10.52
N ALA B 33 0.64 -23.07 -9.48
CA ALA B 33 1.28 -21.76 -9.69
C ALA B 33 2.77 -21.92 -9.94
N LEU B 34 3.42 -22.87 -9.27
CA LEU B 34 4.85 -23.08 -9.48
C LEU B 34 5.12 -23.77 -10.82
N GLU B 35 4.25 -24.70 -11.24
CA GLU B 35 4.34 -25.24 -12.60
C GLU B 35 4.36 -24.12 -13.63
N GLY B 36 3.48 -23.14 -13.45
CA GLY B 36 3.40 -22.05 -14.41
C GLY B 36 4.64 -21.17 -14.41
N GLN B 37 5.12 -20.81 -13.22
CA GLN B 37 6.28 -19.92 -13.16
C GLN B 37 7.54 -20.64 -13.61
N MET B 38 7.67 -21.94 -13.30
CA MET B 38 8.80 -22.69 -13.81
C MET B 38 8.76 -22.73 -15.33
N PHE B 39 7.57 -22.94 -15.92
CA PHE B 39 7.47 -22.92 -17.37
C PHE B 39 7.86 -21.56 -17.93
N ARG B 40 7.38 -20.48 -17.31
CA ARG B 40 7.72 -19.13 -17.74
C ARG B 40 9.22 -18.93 -17.83
N LYS B 41 9.95 -19.54 -16.90
CA LYS B 41 11.37 -19.30 -16.73
C LYS B 41 12.23 -20.28 -17.51
N THR B 42 11.78 -21.52 -17.67
CA THR B 42 12.60 -22.53 -18.32
C THR B 42 12.05 -23.00 -19.64
N GLY B 43 10.77 -22.71 -19.94
CA GLY B 43 10.17 -23.26 -21.14
C GLY B 43 9.79 -24.71 -21.04
N ARG B 44 9.82 -25.30 -19.85
CA ARG B 44 9.52 -26.71 -19.66
C ARG B 44 8.39 -26.84 -18.65
N LEU B 45 7.36 -27.60 -18.99
CA LEU B 45 6.25 -27.87 -18.08
C LEU B 45 6.50 -29.22 -17.42
N ILE B 46 6.69 -29.22 -16.11
CA ILE B 46 6.93 -30.46 -15.36
C ILE B 46 5.98 -30.50 -14.18
N SER B 47 5.14 -31.53 -14.14
CA SER B 47 4.21 -31.73 -13.04
C SER B 47 4.96 -31.91 -11.72
N LEU B 48 4.50 -31.22 -10.67
CA LEU B 48 5.20 -31.13 -9.40
C LEU B 48 4.47 -31.94 -8.33
N SER B 49 5.21 -32.28 -7.27
CA SER B 49 4.73 -33.26 -6.29
C SER B 49 3.93 -32.57 -5.20
N GLU B 50 2.62 -32.78 -5.19
CA GLU B 50 1.82 -32.33 -4.06
C GLU B 50 2.14 -33.12 -2.79
N GLN B 51 2.48 -34.41 -2.93
CA GLN B 51 2.81 -35.24 -1.78
C GLN B 51 4.03 -34.70 -1.05
N ASN B 52 5.02 -34.22 -1.82
CA ASN B 52 6.18 -33.54 -1.25
C ASN B 52 5.73 -32.42 -0.32
N LEU B 53 4.78 -31.60 -0.77
CA LEU B 53 4.31 -30.50 0.07
C LEU B 53 3.54 -31.01 1.28
N VAL B 54 2.65 -31.97 1.06
CA VAL B 54 1.85 -32.50 2.16
C VAL B 54 2.74 -33.09 3.25
N ASP B 55 3.79 -33.84 2.84
CA ASP B 55 4.63 -34.55 3.79
C ASP B 55 5.64 -33.64 4.47
N CYS B 56 6.11 -32.59 3.80
CA CYS B 56 7.34 -31.91 4.21
C CYS B 56 7.20 -30.45 4.61
N SER B 57 6.08 -29.78 4.34
CA SER B 57 6.03 -28.34 4.57
C SER B 57 5.32 -27.97 5.88
N GLY B 58 5.18 -28.92 6.81
CA GLY B 58 4.77 -28.59 8.17
C GLY B 58 5.58 -27.50 8.84
N PRO B 59 6.91 -27.46 8.66
CA PRO B 59 7.69 -26.42 9.35
C PRO B 59 7.36 -25.01 8.90
N GLN B 60 6.77 -24.86 7.71
CA GLN B 60 6.36 -23.56 7.22
C GLN B 60 4.92 -23.21 7.59
N GLY B 61 4.21 -24.11 8.27
CA GLY B 61 2.87 -23.82 8.73
C GLY B 61 1.79 -24.72 8.16
N ASN B 62 2.10 -25.59 7.21
CA ASN B 62 1.04 -26.42 6.63
C ASN B 62 0.73 -27.60 7.53
N GLU B 63 -0.47 -28.16 7.36
CA GLU B 63 -0.99 -29.20 8.22
C GLU B 63 -1.46 -30.40 7.40
N GLY B 64 -0.77 -30.67 6.30
CA GLY B 64 -0.97 -31.90 5.55
C GLY B 64 -2.37 -32.02 4.99
N CYS B 65 -3.04 -33.13 5.29
CA CYS B 65 -4.42 -33.29 4.84
C CYS B 65 -5.41 -32.51 5.67
N ASN B 66 -4.96 -31.82 6.71
CA ASN B 66 -5.87 -30.99 7.48
C ASN B 66 -5.88 -29.54 7.00
N GLY B 67 -5.15 -29.23 5.95
CA GLY B 67 -5.20 -27.93 5.31
C GLY B 67 -3.86 -27.22 5.34
N GLY B 68 -3.83 -26.08 4.67
CA GLY B 68 -2.59 -25.34 4.54
C GLY B 68 -2.81 -24.16 3.62
N LEU B 69 -1.72 -23.45 3.35
CA LEU B 69 -1.78 -22.23 2.57
C LEU B 69 -0.74 -22.29 1.46
N MET B 70 -1.10 -21.72 0.31
CA MET B 70 -0.18 -21.71 -0.82
C MET B 70 1.12 -20.98 -0.49
N ASP B 71 1.04 -19.86 0.24
CA ASP B 71 2.28 -19.13 0.55
C ASP B 71 3.22 -19.95 1.40
N TYR B 72 2.68 -20.74 2.34
CA TYR B 72 3.53 -21.64 3.12
C TYR B 72 4.22 -22.65 2.22
N ALA B 73 3.53 -23.15 1.21
CA ALA B 73 4.17 -24.06 0.28
C ALA B 73 5.27 -23.36 -0.52
N PHE B 74 5.02 -22.11 -0.94
CA PHE B 74 6.07 -21.40 -1.66
C PHE B 74 7.27 -21.14 -0.76
N GLN B 75 7.02 -20.90 0.53
CA GLN B 75 8.11 -20.74 1.50
C GLN B 75 8.90 -22.02 1.67
N TYR B 76 8.22 -23.17 1.70
CA TYR B 76 8.92 -24.43 1.83
C TYR B 76 9.89 -24.65 0.67
N VAL B 77 9.43 -24.40 -0.55
CA VAL B 77 10.30 -24.63 -1.71
C VAL B 77 11.56 -23.78 -1.59
N GLN B 78 11.42 -22.54 -1.14
CA GLN B 78 12.58 -21.68 -0.92
C GLN B 78 13.48 -22.23 0.19
N ASP B 79 12.92 -22.46 1.39
CA ASP B 79 13.73 -22.96 2.51
C ASP B 79 14.40 -24.29 2.17
N ASN B 80 13.70 -25.13 1.40
CA ASN B 80 14.16 -26.49 1.13
C ASN B 80 15.17 -26.55 0.00
N GLY B 81 15.27 -25.50 -0.82
CA GLY B 81 16.12 -25.53 -1.98
C GLY B 81 15.56 -26.30 -3.17
N GLY B 82 14.31 -26.72 -3.13
CA GLY B 82 13.78 -27.45 -4.28
C GLY B 82 12.45 -28.10 -3.98
N LEU B 83 11.94 -28.80 -5.00
CA LEU B 83 10.69 -29.54 -4.91
C LEU B 83 10.72 -30.66 -5.94
N ASP B 84 10.33 -31.87 -5.52
CA ASP B 84 10.43 -33.01 -6.43
C ASP B 84 9.30 -33.01 -7.45
N SER B 85 9.55 -33.69 -8.57
CA SER B 85 8.54 -33.89 -9.60
C SER B 85 7.43 -34.83 -9.13
N GLU B 86 6.25 -34.65 -9.72
CA GLU B 86 5.13 -35.56 -9.50
C GLU B 86 5.54 -36.99 -9.79
N GLU B 87 6.30 -37.19 -10.87
CA GLU B 87 6.71 -38.54 -11.27
C GLU B 87 7.58 -39.20 -10.19
N SER B 88 8.53 -38.44 -9.62
CA SER B 88 9.45 -38.99 -8.63
C SER B 88 8.84 -39.16 -7.23
N TYR B 89 7.73 -38.49 -6.95
CA TYR B 89 7.18 -38.41 -5.59
C TYR B 89 5.67 -38.39 -5.73
N PRO B 90 5.07 -39.50 -6.09
CA PRO B 90 3.67 -39.48 -6.53
C PRO B 90 2.69 -39.31 -5.38
N TYR B 91 1.47 -38.94 -5.75
CA TYR B 91 0.47 -38.49 -4.79
C TYR B 91 -0.23 -39.66 -4.15
N GLU B 92 -0.32 -39.64 -2.82
N GLU B 92 -0.32 -39.65 -2.82
CA GLU B 92 -0.91 -40.74 -2.06
CA GLU B 92 -0.91 -40.74 -2.06
C GLU B 92 -2.19 -40.37 -1.33
C GLU B 92 -2.19 -40.37 -1.34
N ALA B 93 -2.52 -39.07 -1.25
CA ALA B 93 -3.77 -38.59 -0.62
C ALA B 93 -3.84 -38.94 0.87
N THR B 94 -2.68 -39.02 1.52
CA THR B 94 -2.61 -39.16 2.97
C THR B 94 -1.24 -38.66 3.40
N GLU B 95 -1.15 -38.14 4.63
CA GLU B 95 0.11 -37.56 5.09
C GLU B 95 1.04 -38.68 5.54
N GLU B 96 2.29 -38.61 5.09
CA GLU B 96 3.33 -39.56 5.46
C GLU B 96 4.58 -38.78 5.84
N SER B 97 5.61 -39.50 6.26
CA SER B 97 6.86 -38.84 6.57
C SER B 97 7.53 -38.32 5.30
N CYS B 98 8.37 -37.31 5.48
CA CYS B 98 8.95 -36.61 4.34
C CYS B 98 9.97 -37.49 3.64
N LYS B 99 9.86 -37.59 2.31
CA LYS B 99 10.77 -38.41 1.53
C LYS B 99 11.43 -37.60 0.42
N TYR B 100 11.56 -36.29 0.63
CA TYR B 100 12.17 -35.42 -0.36
C TYR B 100 13.57 -35.89 -0.71
N ASN B 101 13.90 -35.85 -1.99
CA ASN B 101 15.21 -36.25 -2.49
C ASN B 101 15.70 -35.15 -3.44
N PRO B 102 16.74 -34.41 -3.08
CA PRO B 102 17.17 -33.30 -3.96
C PRO B 102 17.56 -33.76 -5.35
N LYS B 103 17.97 -35.02 -5.54
CA LYS B 103 18.36 -35.47 -6.87
C LYS B 103 17.21 -35.35 -7.86
N TYR B 104 15.96 -35.42 -7.36
CA TYR B 104 14.79 -35.34 -8.22
C TYR B 104 14.08 -34.00 -8.15
N SER B 105 14.72 -32.98 -7.58
CA SER B 105 14.13 -31.64 -7.59
C SER B 105 14.10 -31.07 -8.99
N VAL B 106 12.96 -30.49 -9.37
CA VAL B 106 12.79 -29.89 -10.69
C VAL B 106 12.23 -28.48 -10.61
N ALA B 107 12.01 -27.93 -9.42
CA ALA B 107 11.47 -26.59 -9.25
C ALA B 107 12.15 -25.92 -8.07
N ASN B 108 12.08 -24.59 -8.05
CA ASN B 108 12.74 -23.77 -7.03
C ASN B 108 12.02 -22.44 -7.01
N ASP B 109 12.13 -21.72 -5.88
CA ASP B 109 11.70 -20.34 -5.91
C ASP B 109 12.45 -19.55 -4.86
N ALA B 110 12.23 -18.24 -4.89
CA ALA B 110 12.87 -17.32 -3.97
C ALA B 110 11.81 -16.49 -3.29
N GLY B 111 10.79 -17.17 -2.77
CA GLY B 111 9.71 -16.52 -2.08
C GLY B 111 8.43 -16.48 -2.89
N PHE B 112 7.59 -15.49 -2.58
CA PHE B 112 6.29 -15.38 -3.23
C PHE B 112 5.83 -13.93 -3.19
N VAL B 113 4.77 -13.67 -3.95
CA VAL B 113 4.17 -12.36 -4.09
C VAL B 113 2.69 -12.47 -3.70
N ASP B 114 2.24 -11.63 -2.77
CA ASP B 114 0.82 -11.49 -2.45
C ASP B 114 0.27 -10.29 -3.22
N ILE B 115 -0.67 -10.54 -4.12
CA ILE B 115 -1.32 -9.49 -4.92
C ILE B 115 -2.28 -8.71 -4.04
N PRO B 116 -2.36 -7.39 -4.18
CA PRO B 116 -3.35 -6.61 -3.42
C PRO B 116 -4.76 -7.08 -3.72
N LYS B 117 -5.65 -6.85 -2.75
CA LYS B 117 -6.99 -7.44 -2.79
C LYS B 117 -7.95 -6.62 -3.67
N GLN B 118 -7.58 -6.52 -4.95
CA GLN B 118 -8.44 -5.91 -5.98
C GLN B 118 -8.51 -6.83 -7.19
N GLU B 119 -9.71 -7.01 -7.74
CA GLU B 119 -9.84 -7.85 -8.94
C GLU B 119 -9.10 -7.24 -10.12
N LYS B 120 -8.99 -5.91 -10.18
CA LYS B 120 -8.22 -5.30 -11.26
C LYS B 120 -6.75 -5.70 -11.15
N ALA B 121 -6.21 -5.73 -9.93
CA ALA B 121 -4.84 -6.20 -9.73
C ALA B 121 -4.70 -7.68 -10.06
N LEU B 122 -5.68 -8.51 -9.65
CA LEU B 122 -5.62 -9.92 -10.02
C LEU B 122 -5.65 -10.08 -11.54
N MET B 123 -6.48 -9.28 -12.24
CA MET B 123 -6.53 -9.36 -13.70
C MET B 123 -5.18 -9.02 -14.32
N LYS B 124 -4.53 -7.95 -13.85
CA LYS B 124 -3.21 -7.60 -14.36
C LYS B 124 -2.19 -8.70 -14.12
N ALA B 125 -2.25 -9.35 -12.95
CA ALA B 125 -1.32 -10.42 -12.65
C ALA B 125 -1.56 -11.62 -13.54
N VAL B 126 -2.82 -12.01 -13.73
CA VAL B 126 -3.13 -13.12 -14.61
C VAL B 126 -2.64 -12.84 -16.03
N ALA B 127 -2.79 -11.59 -16.48
CA ALA B 127 -2.39 -11.25 -17.84
C ALA B 127 -0.88 -11.25 -18.02
N THR B 128 -0.13 -10.90 -16.99
CA THR B 128 1.30 -10.64 -17.19
C THR B 128 2.22 -11.62 -16.46
N VAL B 129 1.73 -12.39 -15.50
CA VAL B 129 2.56 -13.31 -14.73
C VAL B 129 2.35 -14.76 -15.18
N GLY B 130 1.09 -15.18 -15.31
CA GLY B 130 0.78 -16.57 -15.53
C GLY B 130 -0.31 -17.01 -14.57
N PRO B 131 -0.53 -18.33 -14.45
CA PRO B 131 -1.55 -18.81 -13.50
C PRO B 131 -1.26 -18.35 -12.08
N ILE B 132 -2.33 -18.02 -11.36
CA ILE B 132 -2.25 -17.39 -10.04
C ILE B 132 -2.96 -18.27 -9.02
N SER B 133 -2.33 -18.49 -7.87
CA SER B 133 -3.00 -19.20 -6.78
C SER B 133 -4.02 -18.28 -6.12
N VAL B 134 -5.23 -18.78 -5.86
CA VAL B 134 -6.25 -18.01 -5.15
C VAL B 134 -6.96 -18.91 -4.14
N ALA B 135 -7.53 -18.28 -3.11
CA ALA B 135 -8.45 -18.95 -2.21
C ALA B 135 -9.87 -18.43 -2.44
N ILE B 136 -10.85 -19.33 -2.38
CA ILE B 136 -12.25 -18.94 -2.63
C ILE B 136 -13.11 -19.57 -1.55
N ASP B 137 -14.29 -18.98 -1.36
CA ASP B 137 -15.36 -19.55 -0.54
C ASP B 137 -16.05 -20.60 -1.40
N ALA B 138 -15.68 -21.86 -1.23
CA ALA B 138 -16.26 -22.99 -1.94
C ALA B 138 -17.20 -23.78 -1.06
N GLY B 139 -17.56 -23.24 0.11
CA GLY B 139 -18.33 -23.97 1.12
C GLY B 139 -19.83 -23.91 0.90
N HIS B 140 -20.26 -24.15 -0.34
CA HIS B 140 -21.67 -24.14 -0.70
C HIS B 140 -21.95 -25.31 -1.64
N GLU B 141 -23.10 -25.95 -1.48
CA GLU B 141 -23.34 -27.13 -2.31
C GLU B 141 -23.42 -26.75 -3.78
N SER B 142 -23.76 -25.50 -4.11
CA SER B 142 -23.76 -25.09 -5.51
C SER B 142 -22.37 -25.25 -6.13
N PHE B 143 -21.31 -25.05 -5.34
CA PHE B 143 -19.96 -25.29 -5.83
C PHE B 143 -19.69 -26.78 -5.99
N LEU B 144 -20.11 -27.60 -5.01
CA LEU B 144 -19.95 -29.04 -5.12
C LEU B 144 -20.62 -29.58 -6.37
N PHE B 145 -21.77 -29.02 -6.71
CA PHE B 145 -22.62 -29.54 -7.79
C PHE B 145 -22.37 -28.84 -9.11
N TYR B 146 -21.43 -27.89 -9.18
CA TYR B 146 -21.22 -27.11 -10.39
C TYR B 146 -20.91 -28.00 -11.59
N LYS B 147 -21.56 -27.72 -12.72
CA LYS B 147 -21.38 -28.50 -13.94
C LYS B 147 -20.92 -27.64 -15.11
N GLU B 148 -21.55 -26.49 -15.34
CA GLU B 148 -21.25 -25.62 -16.47
C GLU B 148 -21.72 -24.21 -16.13
N GLY B 149 -21.23 -23.23 -16.89
CA GLY B 149 -21.74 -21.88 -16.81
C GLY B 149 -20.88 -21.00 -15.92
N ILE B 150 -21.35 -19.77 -15.73
CA ILE B 150 -20.64 -18.80 -14.88
C ILE B 150 -21.13 -18.99 -13.46
N TYR B 151 -20.23 -19.39 -12.57
CA TYR B 151 -20.62 -19.67 -11.20
C TYR B 151 -20.89 -18.37 -10.44
N PHE B 152 -22.10 -18.24 -9.91
CA PHE B 152 -22.44 -17.16 -8.98
C PHE B 152 -23.31 -17.74 -7.88
N GLU B 153 -22.87 -17.58 -6.64
CA GLU B 153 -23.56 -18.09 -5.45
C GLU B 153 -23.94 -16.90 -4.59
N PRO B 154 -25.22 -16.56 -4.45
CA PRO B 154 -25.59 -15.36 -3.68
C PRO B 154 -25.11 -15.36 -2.24
N ASP B 155 -24.95 -16.52 -1.61
CA ASP B 155 -24.47 -16.58 -0.24
C ASP B 155 -22.95 -16.64 -0.13
N CYS B 156 -22.23 -16.40 -1.22
CA CYS B 156 -20.78 -16.49 -1.19
C CYS B 156 -20.17 -15.33 -0.39
N SER B 157 -19.17 -15.64 0.41
CA SER B 157 -18.48 -14.60 1.17
C SER B 157 -17.26 -14.11 0.39
N SER B 158 -17.04 -12.80 0.41
CA SER B 158 -15.83 -12.23 -0.19
C SER B 158 -14.66 -12.20 0.78
N GLU B 159 -14.90 -12.55 2.05
CA GLU B 159 -13.90 -12.45 3.10
C GLU B 159 -13.46 -13.79 3.67
N ASP B 160 -14.36 -14.77 3.75
CA ASP B 160 -14.08 -16.03 4.45
C ASP B 160 -13.96 -17.14 3.41
N MET B 161 -12.73 -17.54 3.11
CA MET B 161 -12.48 -18.54 2.08
C MET B 161 -12.03 -19.84 2.74
N ASP B 162 -12.18 -20.95 2.00
CA ASP B 162 -11.88 -22.26 2.57
C ASP B 162 -11.20 -23.22 1.59
N HIS B 163 -10.82 -22.78 0.39
CA HIS B 163 -10.44 -23.70 -0.67
C HIS B 163 -9.47 -23.01 -1.62
N GLY B 164 -8.32 -23.60 -1.86
CA GLY B 164 -7.31 -23.03 -2.76
C GLY B 164 -7.44 -23.64 -4.15
N VAL B 165 -7.42 -22.79 -5.16
CA VAL B 165 -7.55 -23.19 -6.57
C VAL B 165 -6.59 -22.35 -7.40
N LEU B 166 -6.69 -22.43 -8.72
CA LEU B 166 -5.71 -21.81 -9.62
C LEU B 166 -6.43 -21.06 -10.73
N VAL B 167 -6.18 -19.76 -10.85
CA VAL B 167 -6.75 -18.97 -11.92
C VAL B 167 -5.81 -19.10 -13.11
N VAL B 168 -6.29 -19.65 -14.22
CA VAL B 168 -5.46 -19.83 -15.40
C VAL B 168 -5.85 -18.89 -16.52
N GLY B 169 -6.82 -18.03 -16.30
CA GLY B 169 -7.23 -17.11 -17.34
C GLY B 169 -8.50 -16.36 -16.94
N TYR B 170 -9.06 -15.66 -17.91
CA TYR B 170 -10.32 -14.94 -17.70
C TYR B 170 -10.93 -14.66 -19.07
N GLY B 171 -12.23 -14.37 -19.06
CA GLY B 171 -12.93 -14.17 -20.31
C GLY B 171 -14.19 -13.36 -20.14
N PHE B 172 -14.97 -13.30 -21.22
CA PHE B 172 -16.12 -12.42 -21.26
C PHE B 172 -17.26 -13.14 -21.96
N GLU B 173 -18.46 -12.57 -21.81
CA GLU B 173 -19.64 -13.10 -22.49
C GLU B 173 -19.63 -12.74 -23.96
N SER B 174 -19.50 -11.45 -24.27
CA SER B 174 -19.29 -10.99 -25.63
C SER B 174 -18.44 -9.73 -25.57
N THR B 175 -17.97 -9.29 -26.73
CA THR B 175 -16.95 -8.25 -26.76
C THR B 175 -17.42 -6.97 -26.08
N GLU B 176 -18.72 -6.69 -26.09
CA GLU B 176 -19.23 -5.41 -25.62
C GLU B 176 -20.07 -5.51 -24.36
N SER B 177 -20.14 -6.68 -23.75
CA SER B 177 -20.96 -6.87 -22.57
C SER B 177 -20.10 -6.75 -21.30
N ASP B 178 -20.56 -5.90 -20.37
CA ASP B 178 -20.01 -5.93 -19.02
C ASP B 178 -20.44 -7.19 -18.26
N ASN B 179 -21.43 -7.92 -18.78
CA ASN B 179 -22.11 -8.95 -18.01
C ASN B 179 -21.39 -10.28 -18.12
N ASN B 180 -21.35 -10.99 -17.00
CA ASN B 180 -20.92 -12.39 -16.99
C ASN B 180 -19.50 -12.54 -17.53
N LYS B 181 -18.64 -11.61 -17.15
CA LYS B 181 -17.22 -11.89 -17.22
C LYS B 181 -16.87 -12.99 -16.24
N TYR B 182 -15.78 -13.70 -16.50
CA TYR B 182 -15.44 -14.80 -15.60
C TYR B 182 -13.94 -14.97 -15.45
N TRP B 183 -13.56 -15.55 -14.31
CA TRP B 183 -12.25 -16.13 -14.09
C TRP B 183 -12.28 -17.60 -14.48
N LEU B 184 -11.28 -18.03 -15.24
CA LEU B 184 -11.15 -19.43 -15.64
C LEU B 184 -10.30 -20.14 -14.59
N VAL B 185 -10.91 -21.07 -13.85
CA VAL B 185 -10.33 -21.57 -12.60
C VAL B 185 -10.16 -23.09 -12.69
N LYS B 186 -8.94 -23.55 -12.44
CA LYS B 186 -8.60 -24.97 -12.38
C LYS B 186 -8.77 -25.47 -10.94
N ASN B 187 -9.63 -26.45 -10.75
CA ASN B 187 -9.83 -27.06 -9.44
C ASN B 187 -8.97 -28.32 -9.36
N SER B 188 -9.00 -28.98 -8.21
CA SER B 188 -8.23 -30.22 -8.00
C SER B 188 -9.13 -31.34 -7.49
N TRP B 189 -10.32 -31.44 -8.08
CA TRP B 189 -11.29 -32.46 -7.68
C TRP B 189 -11.51 -33.48 -8.79
N GLY B 190 -10.55 -33.61 -9.71
CA GLY B 190 -10.68 -34.53 -10.84
C GLY B 190 -11.43 -33.90 -11.99
N GLU B 191 -11.42 -34.60 -13.12
CA GLU B 191 -12.02 -33.99 -14.30
C GLU B 191 -13.51 -34.30 -14.44
N GLU B 192 -14.08 -35.17 -13.59
CA GLU B 192 -15.53 -35.34 -13.56
C GLU B 192 -16.22 -34.09 -13.05
N TRP B 193 -15.68 -33.46 -12.02
CA TRP B 193 -16.30 -32.27 -11.46
C TRP B 193 -16.27 -31.14 -12.47
N GLY B 194 -17.34 -30.35 -12.50
CA GLY B 194 -17.36 -29.15 -13.32
C GLY B 194 -17.17 -29.42 -14.80
N MET B 195 -16.50 -28.48 -15.45
CA MET B 195 -16.28 -28.49 -16.89
C MET B 195 -14.89 -29.09 -17.10
N GLY B 196 -14.82 -30.42 -17.10
CA GLY B 196 -13.52 -31.06 -17.19
C GLY B 196 -12.60 -30.72 -16.03
N GLY B 197 -13.16 -30.45 -14.86
CA GLY B 197 -12.37 -30.07 -13.71
C GLY B 197 -12.18 -28.58 -13.54
N TYR B 198 -12.73 -27.77 -14.44
CA TYR B 198 -12.62 -26.31 -14.43
C TYR B 198 -13.95 -25.67 -14.05
N VAL B 199 -13.89 -24.44 -13.53
CA VAL B 199 -15.08 -23.66 -13.25
C VAL B 199 -14.87 -22.23 -13.74
N LYS B 200 -15.92 -21.65 -14.32
CA LYS B 200 -15.90 -20.22 -14.67
C LYS B 200 -16.54 -19.45 -13.52
N MET B 201 -15.74 -18.67 -12.81
N MET B 201 -15.72 -18.69 -12.78
CA MET B 201 -16.22 -17.96 -11.62
CA MET B 201 -16.15 -17.94 -11.61
C MET B 201 -16.46 -16.50 -11.96
C MET B 201 -16.47 -16.50 -11.98
N ALA B 202 -17.58 -15.97 -11.45
CA ALA B 202 -17.98 -14.60 -11.73
C ALA B 202 -16.84 -13.62 -11.45
N LYS B 203 -16.55 -12.79 -12.43
CA LYS B 203 -15.48 -11.80 -12.39
C LYS B 203 -16.07 -10.39 -12.37
N ASP B 204 -15.44 -9.51 -11.58
CA ASP B 204 -15.87 -8.11 -11.47
C ASP B 204 -17.31 -7.99 -10.96
N ARG B 205 -17.70 -8.87 -10.06
CA ARG B 205 -18.97 -8.77 -9.34
C ARG B 205 -18.64 -8.72 -7.85
N ARG B 206 -17.99 -7.62 -7.44
CA ARG B 206 -17.70 -7.34 -6.03
C ARG B 206 -16.89 -8.47 -5.40
N ASN B 207 -15.84 -8.90 -6.09
CA ASN B 207 -14.88 -9.88 -5.57
C ASN B 207 -15.62 -11.14 -5.13
N HIS B 208 -16.31 -11.74 -6.07
CA HIS B 208 -17.22 -12.82 -5.74
C HIS B 208 -16.47 -14.03 -5.21
N CYS B 209 -16.94 -14.55 -4.08
CA CYS B 209 -16.36 -15.68 -3.34
C CYS B 209 -14.94 -15.39 -2.86
N GLY B 210 -14.53 -14.12 -2.84
CA GLY B 210 -13.23 -13.74 -2.31
C GLY B 210 -12.05 -14.08 -3.19
N ILE B 211 -12.28 -14.23 -4.49
CA ILE B 211 -11.24 -14.74 -5.37
C ILE B 211 -10.01 -13.84 -5.42
N ALA B 212 -10.17 -12.53 -5.14
CA ALA B 212 -9.00 -11.64 -5.13
C ALA B 212 -8.49 -11.35 -3.73
N SER B 213 -9.04 -12.01 -2.72
CA SER B 213 -8.70 -11.69 -1.35
C SER B 213 -7.43 -12.38 -0.85
N ALA B 214 -6.99 -13.44 -1.52
CA ALA B 214 -5.78 -14.16 -1.13
C ALA B 214 -5.08 -14.73 -2.37
N ALA B 215 -4.81 -13.87 -3.35
CA ALA B 215 -4.14 -14.30 -4.58
C ALA B 215 -2.63 -14.17 -4.44
N SER B 216 -1.89 -15.17 -4.92
CA SER B 216 -0.43 -15.12 -4.80
C SER B 216 0.23 -16.03 -5.83
N TYR B 217 1.54 -15.86 -5.96
CA TYR B 217 2.30 -16.72 -6.85
C TYR B 217 3.76 -16.72 -6.40
N PRO B 218 4.52 -17.75 -6.77
CA PRO B 218 5.90 -17.84 -6.30
C PRO B 218 6.85 -16.98 -7.13
N THR B 219 7.89 -16.50 -6.46
CA THR B 219 8.93 -15.71 -7.10
C THR B 219 9.93 -16.64 -7.78
N VAL B 220 10.02 -16.60 -9.10
CA VAL B 220 10.91 -17.51 -9.80
C VAL B 220 11.75 -16.71 -10.77
N ALA C 1 -15.68 33.21 11.74
CA ALA C 1 -15.37 31.79 11.65
C ALA C 1 -14.41 31.41 12.77
N PRO C 2 -14.41 30.13 13.15
CA PRO C 2 -13.42 29.66 14.13
C PRO C 2 -12.02 29.78 13.56
N ARG C 3 -11.04 29.78 14.46
CA ARG C 3 -9.65 29.88 14.01
C ARG C 3 -9.15 28.57 13.42
N SER C 4 -9.74 27.44 13.78
CA SER C 4 -9.40 26.17 13.15
C SER C 4 -10.64 25.29 13.08
N VAL C 5 -10.69 24.45 12.04
CA VAL C 5 -11.83 23.60 11.75
C VAL C 5 -11.30 22.25 11.26
N ASP C 6 -11.90 21.15 11.73
CA ASP C 6 -11.56 19.81 11.25
C ASP C 6 -12.83 18.97 11.24
N TRP C 7 -13.45 18.83 10.08
CA TRP C 7 -14.72 18.12 9.99
C TRP C 7 -14.58 16.62 10.23
N ARG C 8 -13.36 16.08 10.19
CA ARG C 8 -13.16 14.67 10.54
C ARG C 8 -13.56 14.42 11.97
N GLU C 9 -13.28 15.36 12.87
CA GLU C 9 -13.61 15.18 14.28
C GLU C 9 -15.11 15.27 14.56
N LYS C 10 -15.90 15.73 13.58
CA LYS C 10 -17.35 15.81 13.73
C LYS C 10 -18.07 14.67 13.02
N GLY C 11 -17.34 13.77 12.37
CA GLY C 11 -17.93 12.61 11.74
C GLY C 11 -18.35 12.81 10.31
N TYR C 12 -17.87 13.87 9.64
CA TYR C 12 -18.29 14.20 8.29
C TYR C 12 -17.51 13.46 7.19
N VAL C 13 -16.44 12.73 7.51
CA VAL C 13 -15.45 12.36 6.49
C VAL C 13 -15.17 10.86 6.54
N THR C 14 -15.29 10.21 5.40
CA THR C 14 -14.96 8.79 5.28
C THR C 14 -13.45 8.62 5.23
N PRO C 15 -12.95 7.39 5.34
CA PRO C 15 -11.52 7.15 5.19
C PRO C 15 -11.01 7.52 3.80
N VAL C 16 -9.68 7.70 3.72
CA VAL C 16 -9.02 8.03 2.46
C VAL C 16 -9.17 6.86 1.49
N LYS C 17 -9.49 7.17 0.25
CA LYS C 17 -9.67 6.21 -0.83
C LYS C 17 -8.53 6.35 -1.83
N ASN C 18 -8.48 5.45 -2.82
CA ASN C 18 -7.44 5.52 -3.82
C ASN C 18 -8.08 5.39 -5.20
N GLN C 19 -7.94 6.43 -6.02
CA GLN C 19 -8.47 6.42 -7.38
C GLN C 19 -7.64 5.56 -8.33
N GLY C 20 -6.47 5.08 -7.90
CA GLY C 20 -5.68 4.28 -8.81
C GLY C 20 -5.14 5.12 -9.95
N GLN C 21 -5.04 4.52 -11.13
CA GLN C 21 -4.46 5.20 -12.27
C GLN C 21 -5.50 5.91 -13.13
N CYS C 22 -6.76 5.82 -12.76
CA CYS C 22 -7.86 6.42 -13.50
C CYS C 22 -8.01 7.89 -13.12
N GLY C 23 -8.27 8.74 -14.11
CA GLY C 23 -8.42 10.17 -13.88
C GLY C 23 -9.77 10.55 -13.31
N SER C 24 -10.13 9.96 -12.16
CA SER C 24 -11.45 10.10 -11.56
C SER C 24 -11.40 10.96 -10.29
N CYS C 25 -10.37 11.79 -10.14
CA CYS C 25 -10.24 12.61 -8.93
C CYS C 25 -11.50 13.43 -8.68
N TRP C 26 -12.13 13.90 -9.76
CA TRP C 26 -13.36 14.67 -9.66
C TRP C 26 -14.47 13.88 -8.99
N ALA C 27 -14.52 12.58 -9.23
CA ALA C 27 -15.58 11.77 -8.62
C ALA C 27 -15.32 11.55 -7.14
N PHE C 28 -14.04 11.43 -6.75
CA PHE C 28 -13.71 11.27 -5.33
C PHE C 28 -13.93 12.57 -4.57
N SER C 29 -13.61 13.70 -5.18
CA SER C 29 -13.91 14.98 -4.56
C SER C 29 -15.42 15.16 -4.39
N ALA C 30 -16.20 14.73 -5.39
CA ALA C 30 -17.65 14.91 -5.31
C ALA C 30 -18.28 14.01 -4.25
N THR C 31 -17.89 12.73 -4.20
CA THR C 31 -18.46 11.86 -3.17
C THR C 31 -18.04 12.35 -1.80
N GLY C 32 -16.82 12.87 -1.67
CA GLY C 32 -16.40 13.41 -0.39
C GLY C 32 -17.31 14.54 0.09
N ALA C 33 -17.59 15.49 -0.79
CA ALA C 33 -18.45 16.61 -0.42
C ALA C 33 -19.88 16.15 -0.14
N LEU C 34 -20.41 15.24 -0.98
CA LEU C 34 -21.77 14.73 -0.77
C LEU C 34 -21.85 13.85 0.48
N GLU C 35 -20.78 13.10 0.78
CA GLU C 35 -20.75 12.33 2.02
C GLU C 35 -20.87 13.26 3.21
N GLY C 36 -20.17 14.39 3.16
CA GLY C 36 -20.25 15.34 4.25
C GLY C 36 -21.62 15.98 4.38
N GLN C 37 -22.23 16.35 3.25
CA GLN C 37 -23.54 17.02 3.32
C GLN C 37 -24.64 16.04 3.69
N MET C 38 -24.54 14.78 3.21
CA MET C 38 -25.51 13.78 3.64
C MET C 38 -25.41 13.52 5.14
N PHE C 39 -24.19 13.50 5.69
CA PHE C 39 -24.05 13.35 7.12
C PHE C 39 -24.63 14.56 7.86
N ARG C 40 -24.35 15.76 7.35
CA ARG C 40 -24.95 16.97 7.91
C ARG C 40 -26.46 16.87 7.99
N LYS C 41 -27.09 16.27 6.98
CA LYS C 41 -28.53 16.19 6.89
C LYS C 41 -29.13 15.04 7.69
N THR C 42 -28.45 13.88 7.74
CA THR C 42 -29.06 12.68 8.32
C THR C 42 -28.36 12.16 9.57
N GLY C 43 -27.13 12.55 9.83
CA GLY C 43 -26.38 11.92 10.89
C GLY C 43 -25.81 10.57 10.53
N ARG C 44 -25.94 10.14 9.28
CA ARG C 44 -25.34 8.90 8.81
C ARG C 44 -24.21 9.21 7.84
N LEU C 45 -23.06 8.60 8.07
CA LEU C 45 -21.91 8.70 7.18
C LEU C 45 -21.84 7.41 6.38
N ILE C 46 -22.15 7.49 5.08
CA ILE C 46 -22.14 6.34 4.18
C ILE C 46 -21.23 6.64 3.01
N SER C 47 -20.26 5.76 2.76
CA SER C 47 -19.35 5.95 1.64
C SER C 47 -20.09 5.74 0.33
N LEU C 48 -19.88 6.66 -0.62
CA LEU C 48 -20.65 6.75 -1.86
C LEU C 48 -19.83 6.26 -3.05
N SER C 49 -20.53 5.89 -4.14
CA SER C 49 -19.91 5.19 -5.27
C SER C 49 -19.30 6.19 -6.26
N GLU C 50 -17.96 6.22 -6.31
CA GLU C 50 -17.30 6.95 -7.40
C GLU C 50 -17.54 6.25 -8.73
N GLN C 51 -17.60 4.93 -8.73
CA GLN C 51 -17.81 4.21 -9.99
C GLN C 51 -19.14 4.59 -10.61
N ASN C 52 -20.18 4.80 -9.79
CA ASN C 52 -21.47 5.28 -10.28
C ASN C 52 -21.30 6.58 -11.07
N LEU C 53 -20.52 7.52 -10.53
CA LEU C 53 -20.29 8.77 -11.25
C LEU C 53 -19.47 8.56 -12.51
N VAL C 54 -18.43 7.73 -12.44
CA VAL C 54 -17.57 7.51 -13.59
C VAL C 54 -18.36 6.91 -14.75
N ASP C 55 -19.25 5.96 -14.44
CA ASP C 55 -19.95 5.23 -15.50
C ASP C 55 -21.14 6.00 -16.06
N CYS C 56 -21.73 6.91 -15.27
CA CYS C 56 -23.08 7.37 -15.54
C CYS C 56 -23.22 8.88 -15.76
N SER C 57 -22.21 9.69 -15.41
CA SER C 57 -22.39 11.14 -15.45
C SER C 57 -21.84 11.76 -16.73
N GLY C 58 -21.65 10.96 -17.79
CA GLY C 58 -21.35 11.51 -19.09
C GLY C 58 -22.31 12.57 -19.61
N PRO C 59 -23.63 12.37 -19.50
CA PRO C 59 -24.55 13.38 -20.06
C PRO C 59 -24.43 14.73 -19.40
N GLN C 60 -23.86 14.78 -18.20
CA GLN C 60 -23.66 16.04 -17.49
C GLN C 60 -22.34 16.70 -17.89
N GLY C 61 -21.54 16.03 -18.70
CA GLY C 61 -20.29 16.59 -19.18
C GLY C 61 -19.05 15.89 -18.69
N ASN C 62 -19.16 14.87 -17.84
CA ASN C 62 -17.97 14.20 -17.34
C ASN C 62 -17.45 13.17 -18.33
N GLU C 63 -16.15 12.88 -18.20
CA GLU C 63 -15.43 12.06 -19.17
C GLU C 63 -14.76 10.86 -18.51
N GLY C 64 -15.39 10.32 -17.47
CA GLY C 64 -14.93 9.06 -16.91
C GLY C 64 -13.51 9.15 -16.36
N CYS C 65 -12.67 8.22 -16.79
CA CYS C 65 -11.27 8.20 -16.38
C CYS C 65 -10.43 9.25 -17.09
N ASN C 66 -10.99 9.95 -18.07
CA ASN C 66 -10.29 11.04 -18.73
C ASN C 66 -10.56 12.39 -18.08
N GLY C 67 -11.33 12.43 -17.01
CA GLY C 67 -11.49 13.65 -16.24
C GLY C 67 -12.93 14.09 -16.15
N GLY C 68 -13.14 15.09 -15.30
CA GLY C 68 -14.49 15.60 -15.09
C GLY C 68 -14.47 16.71 -14.05
N LEU C 69 -15.67 17.18 -13.73
CA LEU C 69 -15.85 18.30 -12.81
C LEU C 69 -16.79 17.90 -11.68
N MET C 70 -16.48 18.35 -10.47
CA MET C 70 -17.34 18.00 -9.34
C MET C 70 -18.76 18.52 -9.55
N ASP C 71 -18.91 19.72 -10.15
CA ASP C 71 -20.25 20.26 -10.34
C ASP C 71 -21.08 19.40 -11.28
N TYR C 72 -20.47 18.89 -12.34
CA TYR C 72 -21.18 17.97 -13.23
C TYR C 72 -21.64 16.73 -12.46
N ALA C 73 -20.83 16.26 -11.51
CA ALA C 73 -21.24 15.10 -10.72
C ALA C 73 -22.43 15.44 -9.82
N PHE C 74 -22.40 16.62 -9.18
CA PHE C 74 -23.55 17.04 -8.37
C PHE C 74 -24.79 17.16 -9.22
N GLN C 75 -24.65 17.65 -10.45
CA GLN C 75 -25.78 17.77 -11.36
C GLN C 75 -26.33 16.40 -11.74
N TYR C 76 -25.44 15.42 -11.97
CA TYR C 76 -25.91 14.07 -12.27
C TYR C 76 -26.75 13.51 -11.13
N VAL C 77 -26.31 13.68 -9.89
CA VAL C 77 -27.07 13.14 -8.76
C VAL C 77 -28.46 13.77 -8.72
N GLN C 78 -28.55 15.07 -8.99
CA GLN C 78 -29.86 15.72 -9.04
C GLN C 78 -30.70 15.20 -10.19
N ASP C 79 -30.13 15.15 -11.40
CA ASP C 79 -30.87 14.66 -12.55
C ASP C 79 -31.27 13.20 -12.38
N ASN C 80 -30.36 12.39 -11.82
CA ASN C 80 -30.58 10.95 -11.71
C ASN C 80 -31.55 10.60 -10.59
N GLY C 81 -31.71 11.47 -9.60
CA GLY C 81 -32.53 11.17 -8.45
C GLY C 81 -31.86 10.33 -7.38
N GLY C 82 -30.55 10.14 -7.42
CA GLY C 82 -29.92 9.34 -6.40
C GLY C 82 -28.51 8.97 -6.80
N LEU C 83 -27.84 8.30 -5.86
CA LEU C 83 -26.47 7.84 -6.05
C LEU C 83 -26.26 6.61 -5.17
N ASP C 84 -25.68 5.57 -5.75
CA ASP C 84 -25.53 4.32 -5.02
C ASP C 84 -24.41 4.42 -3.98
N SER C 85 -24.43 3.50 -3.01
CA SER C 85 -23.38 3.45 -2.02
C SER C 85 -22.13 2.84 -2.61
N GLU C 86 -21.01 3.13 -1.98
CA GLU C 86 -19.76 2.48 -2.34
C GLU C 86 -19.88 0.96 -2.24
N GLU C 87 -20.56 0.46 -1.21
CA GLU C 87 -20.65 -0.97 -1.00
C GLU C 87 -21.41 -1.65 -2.14
N SER C 88 -22.51 -1.04 -2.60
CA SER C 88 -23.33 -1.65 -3.63
C SER C 88 -22.72 -1.54 -5.02
N TYR C 89 -21.84 -0.56 -5.24
CA TYR C 89 -21.34 -0.21 -6.56
C TYR C 89 -19.87 0.18 -6.40
N PRO C 90 -19.01 -0.78 -6.12
CA PRO C 90 -17.64 -0.48 -5.69
C PRO C 90 -16.76 -0.05 -6.86
N TYR C 91 -15.59 0.46 -6.52
CA TYR C 91 -14.74 1.15 -7.47
C TYR C 91 -13.90 0.19 -8.29
N GLU C 92 -13.93 0.35 -9.62
CA GLU C 92 -13.18 -0.51 -10.53
C GLU C 92 -12.02 0.17 -11.24
N ALA C 93 -11.90 1.50 -11.13
CA ALA C 93 -10.78 2.26 -11.71
C ALA C 93 -10.74 2.16 -13.24
N THR C 94 -11.90 1.98 -13.86
CA THR C 94 -12.00 1.98 -15.31
C THR C 94 -13.46 2.25 -15.65
N GLU C 95 -13.70 2.90 -16.80
CA GLU C 95 -15.05 3.30 -17.17
C GLU C 95 -15.80 2.14 -17.82
N GLU C 96 -17.03 1.90 -17.38
CA GLU C 96 -17.88 0.88 -17.97
C GLU C 96 -19.28 1.45 -18.16
N SER C 97 -20.19 0.64 -18.66
CA SER C 97 -21.54 1.14 -18.82
C SER C 97 -22.18 1.34 -17.45
N CYS C 98 -23.23 2.15 -17.43
CA CYS C 98 -23.82 2.58 -16.19
C CYS C 98 -24.62 1.45 -15.57
N LYS C 99 -24.38 1.19 -14.28
CA LYS C 99 -25.05 0.11 -13.56
C LYS C 99 -25.85 0.63 -12.38
N TYR C 100 -26.24 1.90 -12.40
CA TYR C 100 -26.99 2.49 -11.30
C TYR C 100 -28.24 1.69 -10.98
N ASN C 101 -28.48 1.46 -9.70
CA ASN C 101 -29.68 0.78 -9.22
C ASN C 101 -30.37 1.65 -8.20
N PRO C 102 -31.59 2.15 -8.48
CA PRO C 102 -32.24 3.03 -7.51
C PRO C 102 -32.48 2.40 -6.16
N LYS C 103 -32.61 1.07 -6.08
CA LYS C 103 -32.83 0.43 -4.79
C LYS C 103 -31.64 0.58 -3.85
N TYR C 104 -30.45 0.88 -4.37
CA TYR C 104 -29.26 1.04 -3.53
C TYR C 104 -28.81 2.48 -3.43
N SER C 105 -29.68 3.43 -3.80
CA SER C 105 -29.37 4.84 -3.63
C SER C 105 -29.41 5.22 -2.15
N VAL C 106 -28.38 5.93 -1.70
CA VAL C 106 -28.28 6.32 -0.30
C VAL C 106 -27.99 7.81 -0.22
N ALA C 107 -28.01 8.50 -1.37
CA ALA C 107 -27.73 9.93 -1.37
C ALA C 107 -28.53 10.61 -2.46
N ASN C 108 -28.82 11.90 -2.25
CA ASN C 108 -29.52 12.74 -3.20
C ASN C 108 -28.99 14.15 -3.08
N ASP C 109 -29.20 14.97 -4.11
CA ASP C 109 -28.99 16.40 -3.94
C ASP C 109 -29.91 17.17 -4.87
N ALA C 110 -30.07 18.46 -4.56
CA ALA C 110 -30.99 19.34 -5.27
C ALA C 110 -30.24 20.44 -5.99
N GLY C 111 -29.01 20.15 -6.39
CA GLY C 111 -28.17 21.12 -7.06
C GLY C 111 -26.87 21.32 -6.31
N PHE C 112 -26.18 22.41 -6.59
CA PHE C 112 -24.90 22.67 -5.97
C PHE C 112 -24.74 24.17 -5.77
N VAL C 113 -23.73 24.53 -4.99
CA VAL C 113 -23.42 25.93 -4.70
C VAL C 113 -21.97 26.15 -5.06
N ASP C 114 -21.72 27.10 -5.96
CA ASP C 114 -20.36 27.52 -6.27
C ASP C 114 -19.97 28.68 -5.35
N ILE C 115 -18.76 28.62 -4.81
CA ILE C 115 -18.25 29.60 -3.85
C ILE C 115 -17.45 30.66 -4.62
N PRO C 116 -17.59 31.94 -4.29
CA PRO C 116 -16.76 32.96 -4.94
C PRO C 116 -15.27 32.62 -4.86
N LYS C 117 -14.52 33.10 -5.84
CA LYS C 117 -13.11 32.73 -6.00
C LYS C 117 -12.19 33.54 -5.08
N GLN C 118 -12.43 33.41 -3.77
CA GLN C 118 -11.60 34.08 -2.76
C GLN C 118 -11.40 33.13 -1.59
N GLU C 119 -10.23 33.20 -0.96
CA GLU C 119 -9.96 32.29 0.14
C GLU C 119 -10.77 32.66 1.38
N LYS C 120 -11.14 33.94 1.54
CA LYS C 120 -12.03 34.32 2.64
C LYS C 120 -13.41 33.69 2.45
N ALA C 121 -13.92 33.67 1.23
CA ALA C 121 -15.20 33.00 0.98
C ALA C 121 -15.08 31.50 1.18
N LEU C 122 -13.98 30.90 0.73
CA LEU C 122 -13.77 29.48 0.98
C LEU C 122 -13.74 29.18 2.47
N MET C 123 -13.05 30.02 3.26
CA MET C 123 -13.00 29.78 4.71
C MET C 123 -14.39 29.82 5.33
N LYS C 124 -15.22 30.79 4.94
CA LYS C 124 -16.56 30.89 5.49
C LYS C 124 -17.39 29.66 5.15
N ALA C 125 -17.21 29.12 3.94
CA ALA C 125 -17.96 27.93 3.56
C ALA C 125 -17.48 26.71 4.33
N VAL C 126 -16.16 26.55 4.46
CA VAL C 126 -15.64 25.43 5.24
C VAL C 126 -16.18 25.49 6.67
N ALA C 127 -16.20 26.69 7.27
CA ALA C 127 -16.63 26.84 8.65
C ALA C 127 -18.12 26.59 8.83
N THR C 128 -18.96 26.88 7.83
CA THR C 128 -20.39 26.86 8.03
C THR C 128 -21.11 25.74 7.29
N VAL C 129 -20.46 25.07 6.34
CA VAL C 129 -21.11 24.10 5.47
C VAL C 129 -20.67 22.68 5.78
N GLY C 130 -19.36 22.46 5.82
CA GLY C 130 -18.78 21.14 5.89
C GLY C 130 -17.66 21.06 4.87
N PRO C 131 -17.21 19.83 4.58
CA PRO C 131 -16.16 19.67 3.56
C PRO C 131 -16.57 20.25 2.20
N ILE C 132 -15.60 20.85 1.52
CA ILE C 132 -15.83 21.59 0.28
C ILE C 132 -15.01 20.97 -0.86
N SER C 133 -15.64 20.73 -2.01
CA SER C 133 -14.92 20.27 -3.20
C SER C 133 -14.11 21.42 -3.80
N VAL C 134 -12.87 21.15 -4.19
CA VAL C 134 -12.00 22.18 -4.77
C VAL C 134 -11.10 21.53 -5.80
N ALA C 135 -10.64 22.33 -6.75
CA ALA C 135 -9.66 21.91 -7.74
C ALA C 135 -8.35 22.63 -7.47
N ILE C 136 -7.24 21.92 -7.64
CA ILE C 136 -5.92 22.50 -7.40
C ILE C 136 -4.98 22.16 -8.54
N ASP C 137 -3.94 22.98 -8.66
CA ASP C 137 -2.79 22.64 -9.51
C ASP C 137 -1.94 21.63 -8.74
N ALA C 138 -2.09 20.34 -9.06
CA ALA C 138 -1.26 19.30 -8.47
C ALA C 138 -0.15 18.84 -9.41
N GLY C 139 0.11 19.57 -10.48
CA GLY C 139 0.99 19.08 -11.51
C GLY C 139 2.46 19.35 -11.27
N HIS C 140 2.94 19.02 -10.08
CA HIS C 140 4.32 19.29 -9.70
C HIS C 140 4.85 18.12 -8.90
N GLU C 141 6.12 17.77 -9.13
CA GLU C 141 6.64 16.58 -8.44
C GLU C 141 6.68 16.80 -6.93
N SER C 142 6.77 18.05 -6.47
CA SER C 142 6.72 18.30 -5.04
C SER C 142 5.40 17.83 -4.42
N PHE C 143 4.30 17.94 -5.17
CA PHE C 143 3.03 17.40 -4.68
C PHE C 143 3.05 15.87 -4.68
N LEU C 144 3.61 15.26 -5.73
CA LEU C 144 3.71 13.80 -5.75
C LEU C 144 4.48 13.30 -4.53
N PHE C 145 5.52 14.02 -4.15
CA PHE C 145 6.45 13.56 -3.12
C PHE C 145 6.07 14.04 -1.72
N TYR C 146 4.93 14.72 -1.58
CA TYR C 146 4.58 15.36 -0.31
C TYR C 146 4.45 14.32 0.80
N LYS C 147 4.99 14.65 1.97
CA LYS C 147 4.93 13.74 3.11
C LYS C 147 4.41 14.40 4.39
N GLU C 148 4.83 15.63 4.69
CA GLU C 148 4.48 16.30 5.93
C GLU C 148 4.68 17.81 5.76
N GLY C 149 3.97 18.60 6.57
CA GLY C 149 4.19 20.04 6.63
C GLY C 149 3.21 20.78 5.74
N ILE C 150 3.39 22.11 5.69
CA ILE C 150 2.50 22.95 4.93
C ILE C 150 3.02 23.04 3.50
N TYR C 151 2.27 22.47 2.57
CA TYR C 151 2.71 22.38 1.18
C TYR C 151 2.70 23.77 0.54
N PHE C 152 3.83 24.14 -0.05
CA PHE C 152 3.94 25.38 -0.81
C PHE C 152 4.88 25.14 -1.98
N GLU C 153 4.40 25.39 -3.19
CA GLU C 153 5.14 25.15 -4.43
C GLU C 153 5.26 26.47 -5.20
N PRO C 154 6.46 27.06 -5.27
CA PRO C 154 6.58 28.38 -5.94
C PRO C 154 6.07 28.40 -7.37
N ASP C 155 6.10 27.27 -8.07
CA ASP C 155 5.67 27.20 -9.46
C ASP C 155 4.20 26.88 -9.62
N CYS C 156 3.44 26.84 -8.53
CA CYS C 156 2.01 26.52 -8.61
C CYS C 156 1.23 27.62 -9.30
N SER C 157 0.26 27.21 -10.12
CA SER C 157 -0.65 28.15 -10.78
C SER C 157 -1.93 28.34 -9.97
N SER C 158 -2.39 29.58 -9.90
CA SER C 158 -3.68 29.90 -9.30
C SER C 158 -4.81 29.84 -10.31
N GLU C 159 -4.52 29.61 -11.60
CA GLU C 159 -5.53 29.66 -12.65
C GLU C 159 -5.71 28.35 -13.42
N ASP C 160 -4.70 27.49 -13.46
CA ASP C 160 -4.74 26.24 -14.24
C ASP C 160 -4.64 25.06 -13.28
N MET C 161 -5.79 24.50 -12.92
CA MET C 161 -5.85 23.39 -11.99
C MET C 161 -6.03 22.10 -12.77
N ASP C 162 -5.63 20.98 -12.15
CA ASP C 162 -5.72 19.70 -12.84
C ASP C 162 -6.21 18.56 -11.95
N HIS C 163 -6.64 18.84 -10.73
CA HIS C 163 -6.85 17.78 -9.75
C HIS C 163 -7.89 18.24 -8.74
N GLY C 164 -8.91 17.40 -8.52
CA GLY C 164 -9.98 17.71 -7.61
C GLY C 164 -9.74 17.02 -6.28
N VAL C 165 -9.90 17.78 -5.19
CA VAL C 165 -9.69 17.27 -3.84
C VAL C 165 -10.77 17.82 -2.92
N LEU C 166 -10.61 17.61 -1.61
CA LEU C 166 -11.63 17.94 -0.64
C LEU C 166 -11.01 18.66 0.54
N VAL C 167 -11.45 19.90 0.77
CA VAL C 167 -11.05 20.66 1.94
C VAL C 167 -11.92 20.21 3.12
N VAL C 168 -11.29 19.65 4.16
CA VAL C 168 -12.03 19.19 5.32
C VAL C 168 -11.82 20.09 6.52
N GLY C 169 -11.05 21.16 6.36
CA GLY C 169 -10.86 22.09 7.46
C GLY C 169 -9.71 23.02 7.18
N TYR C 170 -9.28 23.71 8.23
CA TYR C 170 -8.18 24.65 8.11
C TYR C 170 -7.63 24.91 9.50
N GLY C 171 -6.42 25.47 9.53
CA GLY C 171 -5.80 25.76 10.79
C GLY C 171 -4.64 26.73 10.67
N PHE C 172 -3.87 26.82 11.74
CA PHE C 172 -2.82 27.82 11.82
C PHE C 172 -1.60 27.21 12.46
N GLU C 173 -0.52 27.97 12.40
CA GLU C 173 0.75 27.54 12.93
C GLU C 173 0.84 27.81 14.44
N SER C 174 0.45 29.01 14.86
CA SER C 174 0.46 29.39 16.27
C SER C 174 -0.62 30.40 16.58
N ASP C 178 -0.09 34.80 11.85
CA ASP C 178 -0.82 34.57 10.60
C ASP C 178 0.07 33.89 9.55
N ASN C 179 1.29 33.53 9.95
CA ASN C 179 2.19 32.82 9.06
C ASN C 179 1.81 31.35 8.98
N ASN C 180 1.93 30.78 7.79
CA ASN C 180 1.79 29.34 7.59
C ASN C 180 0.44 28.81 8.08
N LYS C 181 -0.61 29.54 7.72
CA LYS C 181 -1.95 28.96 7.83
C LYS C 181 -2.11 27.90 6.74
N TYR C 182 -3.04 26.99 6.93
CA TYR C 182 -3.17 25.89 5.99
C TYR C 182 -4.62 25.48 5.83
N TRP C 183 -4.88 24.90 4.66
CA TRP C 183 -6.08 24.13 4.36
C TRP C 183 -5.80 22.66 4.61
N LEU C 184 -6.70 22.00 5.34
CA LEU C 184 -6.61 20.56 5.55
C LEU C 184 -7.33 19.85 4.42
N VAL C 185 -6.58 19.08 3.63
CA VAL C 185 -7.08 18.58 2.34
C VAL C 185 -6.99 17.07 2.30
N LYS C 186 -8.12 16.42 2.02
CA LYS C 186 -8.19 14.99 1.76
C LYS C 186 -7.92 14.75 0.29
N ASN C 187 -6.95 13.90 -0.02
CA ASN C 187 -6.64 13.47 -1.37
C ASN C 187 -7.22 12.07 -1.59
N SER C 188 -7.14 11.60 -2.83
CA SER C 188 -7.67 10.28 -3.19
C SER C 188 -6.59 9.41 -3.82
N TRP C 189 -5.38 9.47 -3.26
CA TRP C 189 -4.25 8.71 -3.78
C TRP C 189 -3.79 7.65 -2.79
N GLY C 190 -4.67 7.24 -1.88
CA GLY C 190 -4.35 6.25 -0.87
C GLY C 190 -3.66 6.83 0.35
N GLU C 191 -3.44 5.97 1.34
CA GLU C 191 -2.95 6.38 2.65
C GLU C 191 -1.45 6.55 2.70
N GLU C 192 -0.73 5.96 1.75
CA GLU C 192 0.73 6.11 1.77
C GLU C 192 1.13 7.51 1.34
N TRP C 193 0.39 8.10 0.41
CA TRP C 193 0.69 9.46 0.00
C TRP C 193 0.48 10.43 1.15
N GLY C 194 1.38 11.40 1.29
CA GLY C 194 1.18 12.48 2.24
C GLY C 194 1.12 12.03 3.69
N MET C 195 0.30 12.73 4.46
N MET C 195 0.31 12.73 4.46
CA MET C 195 0.10 12.46 5.89
CA MET C 195 0.11 12.45 5.88
C MET C 195 -1.17 11.61 5.99
C MET C 195 -1.16 11.60 6.01
N GLY C 196 -0.99 10.29 5.89
CA GLY C 196 -2.13 9.40 5.86
C GLY C 196 -3.09 9.69 4.73
N GLY C 197 -2.59 10.24 3.62
CA GLY C 197 -3.44 10.64 2.51
C GLY C 197 -3.96 12.05 2.58
N TYR C 198 -3.58 12.81 3.59
CA TYR C 198 -3.95 14.21 3.77
C TYR C 198 -2.77 15.11 3.47
N VAL C 199 -3.07 16.36 3.13
CA VAL C 199 -2.05 17.37 2.90
C VAL C 199 -2.51 18.69 3.53
N LYS C 200 -1.57 19.41 4.12
CA LYS C 200 -1.84 20.77 4.59
C LYS C 200 -1.36 21.71 3.51
N MET C 201 -2.30 22.38 2.84
N MET C 201 -2.29 22.39 2.85
CA MET C 201 -2.00 23.28 1.74
CA MET C 201 -1.96 23.27 1.75
C MET C 201 -1.97 24.73 2.21
C MET C 201 -1.97 24.73 2.20
N ALA C 202 -0.99 25.49 1.71
CA ALA C 202 -0.82 26.89 2.08
C ALA C 202 -2.12 27.66 1.94
N LYS C 203 -2.50 28.35 3.02
CA LYS C 203 -3.75 29.10 3.09
C LYS C 203 -3.44 30.59 3.24
N ASP C 204 -4.19 31.42 2.50
CA ASP C 204 -4.03 32.88 2.53
C ASP C 204 -2.67 33.30 2.03
N ARG C 205 -2.17 32.55 1.05
CA ARG C 205 -0.95 32.91 0.34
C ARG C 205 -1.27 33.06 -1.14
N ARG C 206 -2.12 34.06 -1.46
CA ARG C 206 -2.44 34.44 -2.83
C ARG C 206 -3.09 33.31 -3.61
N ASN C 207 -4.08 32.67 -3.00
CA ASN C 207 -4.83 31.58 -3.63
C ASN C 207 -3.89 30.52 -4.19
N HIS C 208 -3.10 29.94 -3.29
CA HIS C 208 -2.02 29.06 -3.70
C HIS C 208 -2.56 27.81 -4.36
N CYS C 209 -2.01 27.48 -5.53
CA CYS C 209 -2.39 26.34 -6.36
C CYS C 209 -3.85 26.39 -6.79
N GLY C 210 -4.50 27.56 -6.65
CA GLY C 210 -5.85 27.72 -7.16
C GLY C 210 -6.93 27.12 -6.29
N ILE C 211 -6.67 26.91 -5.00
CA ILE C 211 -7.57 26.14 -4.16
C ILE C 211 -8.92 26.82 -3.99
N ALA C 212 -8.99 28.14 -4.16
CA ALA C 212 -10.25 28.86 -4.07
C ALA C 212 -10.87 29.15 -5.44
N SER C 213 -10.25 28.71 -6.52
CA SER C 213 -10.69 29.09 -7.86
C SER C 213 -11.88 28.27 -8.36
N ALA C 214 -12.12 27.08 -7.83
CA ALA C 214 -13.22 26.27 -8.31
C ALA C 214 -13.80 25.45 -7.16
N ALA C 215 -14.25 26.14 -6.11
CA ALA C 215 -14.76 25.51 -4.90
C ALA C 215 -16.28 25.40 -4.97
N SER C 216 -16.84 24.27 -4.50
CA SER C 216 -18.28 24.07 -4.54
C SER C 216 -18.70 22.95 -3.60
N TYR C 217 -20.02 22.86 -3.36
CA TYR C 217 -20.55 21.75 -2.59
C TYR C 217 -21.96 21.45 -3.05
N PRO C 218 -22.47 20.26 -2.77
CA PRO C 218 -23.84 19.92 -3.19
C PRO C 218 -24.87 20.43 -2.19
N THR C 219 -26.05 20.78 -2.73
CA THR C 219 -27.18 21.20 -1.94
C THR C 219 -28.00 19.98 -1.56
N VAL C 220 -28.15 19.73 -0.27
CA VAL C 220 -28.86 18.55 0.20
C VAL C 220 -30.04 18.99 1.07
N ALA D 1 31.47 -11.54 -1.68
CA ALA D 1 31.35 -10.11 -1.41
C ALA D 1 31.20 -9.87 0.09
N PRO D 2 31.38 -8.63 0.56
CA PRO D 2 31.09 -8.34 1.96
C PRO D 2 29.58 -8.37 2.20
N ARG D 3 29.19 -8.45 3.48
CA ARG D 3 27.77 -8.55 3.79
C ARG D 3 27.05 -7.22 3.55
N SER D 4 27.77 -6.10 3.65
N SER D 4 27.77 -6.11 3.66
CA SER D 4 27.17 -4.83 3.32
CA SER D 4 27.19 -4.80 3.38
C SER D 4 28.24 -3.92 2.73
C SER D 4 28.25 -3.93 2.73
N VAL D 5 27.79 -2.99 1.91
CA VAL D 5 28.65 -2.02 1.24
C VAL D 5 27.90 -0.69 1.19
N ASP D 6 28.62 0.41 1.44
CA ASP D 6 28.06 1.74 1.25
C ASP D 6 29.19 2.61 0.72
N TRP D 7 29.22 2.83 -0.59
CA TRP D 7 30.32 3.58 -1.17
C TRP D 7 30.29 5.06 -0.79
N ARG D 8 29.16 5.55 -0.27
CA ARG D 8 29.10 6.93 0.20
C ARG D 8 30.11 7.17 1.31
N GLU D 9 30.33 6.17 2.16
CA GLU D 9 31.26 6.32 3.29
C GLU D 9 32.71 6.33 2.87
N LYS D 10 33.00 5.95 1.63
CA LYS D 10 34.34 5.94 1.07
C LYS D 10 34.63 7.13 0.17
N GLY D 11 33.67 8.03 -0.02
CA GLY D 11 33.91 9.24 -0.80
C GLY D 11 33.69 9.12 -2.30
N TYR D 12 32.96 8.10 -2.74
CA TYR D 12 32.75 7.83 -4.16
C TYR D 12 31.54 8.54 -4.75
N VAL D 13 30.70 9.16 -3.92
CA VAL D 13 29.31 9.50 -4.31
C VAL D 13 29.05 10.98 -4.00
N THR D 14 28.59 11.73 -5.01
CA THR D 14 28.19 13.12 -4.86
C THR D 14 26.83 13.20 -4.19
N PRO D 15 26.38 14.39 -3.77
CA PRO D 15 25.02 14.51 -3.22
C PRO D 15 23.95 14.20 -4.25
N VAL D 16 22.75 13.95 -3.75
CA VAL D 16 21.60 13.71 -4.61
C VAL D 16 21.30 14.94 -5.46
N LYS D 17 21.02 14.71 -6.74
CA LYS D 17 20.70 15.75 -7.71
C LYS D 17 19.24 15.61 -8.11
N ASN D 18 18.76 16.51 -8.97
CA ASN D 18 17.37 16.48 -9.39
C ASN D 18 17.29 16.69 -10.90
N GLN D 19 16.80 15.68 -11.62
CA GLN D 19 16.70 15.81 -13.07
C GLN D 19 15.55 16.72 -13.50
N GLY D 20 14.69 17.13 -12.59
CA GLY D 20 13.57 17.95 -13.02
C GLY D 20 12.59 17.09 -13.81
N GLN D 21 11.92 17.73 -14.76
CA GLN D 21 10.91 17.02 -15.55
C GLN D 21 11.47 16.45 -16.85
N CYS D 22 12.77 16.56 -17.04
CA CYS D 22 13.45 16.07 -18.23
C CYS D 22 13.71 14.56 -18.09
N GLY D 23 13.53 13.81 -19.18
CA GLY D 23 13.78 12.38 -19.12
C GLY D 23 15.26 12.03 -19.22
N SER D 24 16.07 12.58 -18.32
CA SER D 24 17.51 12.46 -18.37
C SER D 24 18.07 11.56 -17.27
N CYS D 25 17.23 10.71 -16.67
CA CYS D 25 17.69 9.80 -15.62
C CYS D 25 18.95 9.03 -16.04
N TRP D 26 19.04 8.67 -17.31
CA TRP D 26 20.18 7.92 -17.81
C TRP D 26 21.47 8.69 -17.67
N ALA D 27 21.41 10.02 -17.81
CA ALA D 27 22.60 10.85 -17.67
C ALA D 27 23.04 10.96 -16.22
N PHE D 28 22.09 11.05 -15.28
CA PHE D 28 22.43 11.08 -13.86
C PHE D 28 22.97 9.73 -13.40
N SER D 29 22.41 8.63 -13.90
CA SER D 29 22.99 7.34 -13.56
C SER D 29 24.42 7.23 -14.12
N ALA D 30 24.65 7.72 -15.34
CA ALA D 30 25.97 7.61 -15.94
C ALA D 30 26.99 8.51 -15.23
N THR D 31 26.64 9.76 -14.94
CA THR D 31 27.59 10.61 -14.22
C THR D 31 27.88 10.03 -12.84
N GLY D 32 26.88 9.43 -12.20
CA GLY D 32 27.12 8.83 -10.90
C GLY D 32 28.14 7.72 -10.96
N ALA D 33 28.01 6.82 -11.96
CA ALA D 33 28.99 5.75 -12.08
C ALA D 33 30.36 6.29 -12.49
N LEU D 34 30.42 7.31 -13.35
CA LEU D 34 31.69 7.86 -13.76
C LEU D 34 32.33 8.67 -12.64
N GLU D 35 31.53 9.39 -11.86
CA GLU D 35 32.06 10.04 -10.65
C GLU D 35 32.75 9.02 -9.75
N GLY D 36 32.13 7.86 -9.56
CA GLY D 36 32.71 6.84 -8.71
C GLY D 36 34.01 6.27 -9.27
N GLN D 37 34.04 5.97 -10.58
CA GLN D 37 35.25 5.40 -11.14
C GLN D 37 36.37 6.43 -11.23
N MET D 38 36.05 7.70 -11.48
CA MET D 38 37.09 8.71 -11.47
C MET D 38 37.65 8.90 -10.07
N PHE D 39 36.81 8.77 -9.05
CA PHE D 39 37.32 8.85 -7.68
C PHE D 39 38.24 7.67 -7.37
N ARG D 40 37.83 6.48 -7.81
CA ARG D 40 38.66 5.29 -7.65
C ARG D 40 40.02 5.50 -8.30
N LYS D 41 40.06 6.20 -9.42
CA LYS D 41 41.30 6.34 -10.17
C LYS D 41 42.19 7.46 -9.61
N THR D 42 41.60 8.59 -9.21
CA THR D 42 42.38 9.78 -8.83
C THR D 42 42.32 10.14 -7.35
N GLY D 43 41.38 9.59 -6.59
CA GLY D 43 41.15 10.06 -5.24
C GLY D 43 40.42 11.38 -5.11
N ARG D 44 39.93 11.95 -6.20
CA ARG D 44 39.21 13.21 -6.16
C ARG D 44 37.79 13.00 -6.68
N LEU D 45 36.81 13.43 -5.89
CA LEU D 45 35.40 13.37 -6.29
C LEU D 45 35.01 14.71 -6.93
N ILE D 46 34.64 14.67 -8.20
CA ILE D 46 34.24 15.88 -8.91
C ILE D 46 32.89 15.61 -9.56
N SER D 47 31.91 16.44 -9.25
CA SER D 47 30.60 16.28 -9.84
C SER D 47 30.65 16.55 -11.34
N LEU D 48 29.99 15.69 -12.13
CA LEU D 48 30.08 15.71 -13.59
C LEU D 48 28.78 16.22 -14.24
N SER D 49 28.91 16.70 -15.47
CA SER D 49 27.83 17.44 -16.11
C SER D 49 26.85 16.51 -16.81
N GLU D 50 25.65 16.35 -16.24
CA GLU D 50 24.58 15.66 -16.97
C GLU D 50 24.15 16.44 -18.20
N GLN D 51 24.18 17.77 -18.15
CA GLN D 51 23.77 18.56 -19.31
C GLN D 51 24.69 18.29 -20.49
N ASN D 52 26.00 18.11 -20.23
CA ASN D 52 26.95 17.71 -21.27
C ASN D 52 26.47 16.44 -21.97
N LEU D 53 25.96 15.47 -21.20
CA LEU D 53 25.48 14.23 -21.82
C LEU D 53 24.19 14.46 -22.57
N VAL D 54 23.24 15.19 -21.95
CA VAL D 54 21.95 15.47 -22.61
C VAL D 54 22.15 16.18 -23.95
N ASP D 55 23.07 17.17 -24.00
CA ASP D 55 23.23 17.99 -25.20
C ASP D 55 24.03 17.29 -26.30
N CYS D 56 24.96 16.41 -25.93
CA CYS D 56 26.03 16.01 -26.84
C CYS D 56 26.06 14.54 -27.21
N SER D 57 25.36 13.65 -26.49
CA SER D 57 25.53 12.21 -26.70
C SER D 57 24.47 11.60 -27.63
N GLY D 58 23.77 12.43 -28.42
CA GLY D 58 22.93 11.94 -29.48
C GLY D 58 23.56 11.04 -30.47
N PRO D 59 24.77 11.32 -30.98
CA PRO D 59 25.37 10.46 -31.99
C PRO D 59 25.58 9.03 -31.51
N GLN D 60 25.71 8.81 -30.19
CA GLN D 60 25.86 7.47 -29.65
C GLN D 60 24.53 6.78 -29.40
N GLY D 61 23.41 7.45 -29.66
CA GLY D 61 22.09 6.86 -29.53
C GLY D 61 21.19 7.50 -28.49
N ASN D 62 21.65 8.46 -27.70
CA ASN D 62 20.79 9.02 -26.68
C ASN D 62 19.83 10.05 -27.26
N GLU D 63 18.74 10.29 -26.54
CA GLU D 63 17.67 11.13 -27.03
C GLU D 63 17.37 12.28 -26.07
N GLY D 64 18.39 12.81 -25.42
CA GLY D 64 18.21 14.04 -24.66
C GLY D 64 17.20 13.86 -23.54
N CYS D 65 16.21 14.76 -23.49
CA CYS D 65 15.17 14.68 -22.47
C CYS D 65 14.12 13.63 -22.80
N ASN D 66 14.22 12.98 -23.95
CA ASN D 66 13.29 11.90 -24.27
C ASN D 66 13.82 10.53 -23.90
N GLY D 67 15.01 10.45 -23.31
CA GLY D 67 15.53 9.20 -22.79
C GLY D 67 16.89 8.87 -23.36
N GLY D 68 17.44 7.79 -22.84
CA GLY D 68 18.82 7.43 -23.17
C GLY D 68 19.26 6.22 -22.40
N LEU D 69 20.48 5.76 -22.72
CA LEU D 69 21.07 4.59 -22.09
C LEU D 69 22.41 4.97 -21.51
N MET D 70 22.72 4.43 -20.32
CA MET D 70 23.99 4.75 -19.68
C MET D 70 25.16 4.27 -20.53
N ASP D 71 25.02 3.13 -21.22
CA ASP D 71 26.14 2.65 -22.03
C ASP D 71 26.44 3.60 -23.17
N TYR D 72 25.39 4.20 -23.75
CA TYR D 72 25.57 5.22 -24.78
C TYR D 72 26.28 6.44 -24.22
N ALA D 73 25.98 6.80 -22.96
CA ALA D 73 26.70 7.90 -22.32
C ALA D 73 28.16 7.55 -22.12
N PHE D 74 28.47 6.32 -21.65
CA PHE D 74 29.87 5.91 -21.51
C PHE D 74 30.57 5.90 -22.86
N GLN D 75 29.86 5.51 -23.92
CA GLN D 75 30.45 5.52 -25.25
C GLN D 75 30.77 6.95 -25.71
N TYR D 76 29.89 7.91 -25.39
CA TYR D 76 30.14 9.30 -25.74
C TYR D 76 31.41 9.80 -25.08
N VAL D 77 31.56 9.55 -23.78
CA VAL D 77 32.74 10.01 -23.08
C VAL D 77 34.00 9.43 -23.73
N GLN D 78 33.94 8.16 -24.13
CA GLN D 78 35.09 7.55 -24.81
C GLN D 78 35.33 8.21 -26.17
N ASP D 79 34.28 8.32 -27.00
CA ASP D 79 34.42 8.93 -28.33
C ASP D 79 34.90 10.37 -28.23
N ASN D 80 34.28 11.13 -27.30
CA ASN D 80 34.54 12.56 -27.15
C ASN D 80 35.90 12.84 -26.51
N GLY D 81 36.46 11.87 -25.79
CA GLY D 81 37.68 12.12 -25.07
C GLY D 81 37.52 12.96 -23.82
N GLY D 82 36.33 13.01 -23.22
CA GLY D 82 36.16 13.83 -22.04
C GLY D 82 34.72 14.09 -21.71
N LEU D 83 34.52 14.68 -20.53
CA LEU D 83 33.23 15.12 -20.03
C LEU D 83 33.47 16.29 -19.08
N ASP D 84 32.69 17.36 -19.24
CA ASP D 84 32.89 18.54 -18.40
C ASP D 84 32.36 18.34 -16.99
N SER D 85 32.91 19.13 -16.07
CA SER D 85 32.41 19.17 -14.71
C SER D 85 31.01 19.79 -14.64
N GLU D 86 30.24 19.35 -13.64
CA GLU D 86 28.97 19.99 -13.31
C GLU D 86 29.13 21.50 -13.15
N GLU D 87 30.20 21.94 -12.49
CA GLU D 87 30.36 23.37 -12.23
C GLU D 87 30.49 24.16 -13.53
N SER D 88 31.24 23.61 -14.50
CA SER D 88 31.50 24.32 -15.74
C SER D 88 30.36 24.22 -16.74
N TYR D 89 29.47 23.25 -16.57
CA TYR D 89 28.44 22.94 -17.57
C TYR D 89 27.20 22.53 -16.79
N PRO D 90 26.53 23.49 -16.16
CA PRO D 90 25.49 23.18 -15.17
C PRO D 90 24.22 22.67 -15.85
N TYR D 91 23.37 22.07 -15.02
CA TYR D 91 22.19 21.36 -15.49
C TYR D 91 21.03 22.32 -15.69
N GLU D 92 20.36 22.22 -16.85
CA GLU D 92 19.27 23.11 -17.22
C GLU D 92 17.92 22.42 -17.34
N ALA D 93 17.89 21.07 -17.31
CA ALA D 93 16.67 20.28 -17.37
C ALA D 93 15.92 20.48 -18.69
N THR D 94 16.66 20.80 -19.75
CA THR D 94 16.08 20.89 -21.08
C THR D 94 17.20 20.71 -22.11
N GLU D 95 16.84 20.23 -23.29
CA GLU D 95 17.85 19.97 -24.31
C GLU D 95 18.32 21.26 -24.95
N GLU D 96 19.64 21.36 -25.13
CA GLU D 96 20.23 22.50 -25.80
C GLU D 96 21.34 21.97 -26.71
N SER D 97 21.91 22.85 -27.52
CA SER D 97 22.98 22.40 -28.38
C SER D 97 24.22 22.10 -27.54
N CYS D 98 25.11 21.32 -28.14
CA CYS D 98 26.27 20.83 -27.41
C CYS D 98 27.29 21.96 -27.24
N LYS D 99 27.74 22.16 -26.00
CA LYS D 99 28.68 23.22 -25.67
C LYS D 99 29.89 22.66 -24.93
N TYR D 100 30.23 21.41 -25.20
CA TYR D 100 31.38 20.78 -24.57
C TYR D 100 32.65 21.58 -24.81
N ASN D 101 33.44 21.73 -23.76
CA ASN D 101 34.71 22.46 -23.80
C ASN D 101 35.79 21.57 -23.19
N PRO D 102 36.76 21.11 -23.99
CA PRO D 102 37.75 20.16 -23.45
C PRO D 102 38.63 20.74 -22.34
N LYS D 103 38.73 22.06 -22.27
CA LYS D 103 39.49 22.72 -21.20
C LYS D 103 38.87 22.46 -19.83
N TYR D 104 37.57 22.17 -19.78
CA TYR D 104 36.87 21.92 -18.52
C TYR D 104 36.53 20.45 -18.33
N SER D 105 37.12 19.55 -19.12
CA SER D 105 36.91 18.13 -18.93
C SER D 105 37.65 17.64 -17.70
N VAL D 106 36.96 16.86 -16.87
CA VAL D 106 37.54 16.34 -15.65
C VAL D 106 37.39 14.82 -15.58
N ALA D 107 36.91 14.19 -16.65
CA ALA D 107 36.74 12.75 -16.66
C ALA D 107 36.91 12.20 -18.07
N ASN D 108 37.18 10.89 -18.15
CA ASN D 108 37.33 10.15 -19.39
C ASN D 108 37.02 8.70 -19.11
N ASP D 109 36.70 7.94 -20.15
CA ASP D 109 36.65 6.49 -20.00
C ASP D 109 37.05 5.82 -21.32
N ALA D 110 37.33 4.53 -21.25
CA ALA D 110 37.78 3.76 -22.41
C ALA D 110 36.75 2.70 -22.78
N GLY D 111 35.48 2.98 -22.53
CA GLY D 111 34.43 2.03 -22.81
C GLY D 111 33.71 1.66 -21.52
N PHE D 112 33.10 0.48 -21.50
CA PHE D 112 32.26 0.12 -20.38
C PHE D 112 32.19 -1.39 -20.28
N VAL D 113 31.70 -1.87 -19.15
CA VAL D 113 31.52 -3.29 -18.88
C VAL D 113 30.05 -3.51 -18.57
N ASP D 114 29.44 -4.44 -19.27
CA ASP D 114 28.09 -4.90 -19.00
C ASP D 114 28.14 -6.10 -18.07
N ILE D 115 27.42 -6.01 -16.96
CA ILE D 115 27.46 -7.05 -15.93
C ILE D 115 26.48 -8.17 -16.32
N PRO D 116 26.81 -9.44 -16.08
CA PRO D 116 25.84 -10.51 -16.36
C PRO D 116 24.54 -10.26 -15.61
N LYS D 117 23.46 -10.74 -16.20
CA LYS D 117 22.12 -10.33 -15.79
C LYS D 117 21.63 -11.18 -14.62
N GLN D 118 22.35 -11.11 -13.51
CA GLN D 118 21.83 -11.72 -12.30
C GLN D 118 22.45 -11.03 -11.09
N GLU D 119 21.75 -11.15 -9.96
CA GLU D 119 22.09 -10.34 -8.79
C GLU D 119 23.37 -10.77 -8.09
N LYS D 120 23.79 -12.02 -8.23
CA LYS D 120 25.08 -12.40 -7.66
C LYS D 120 26.22 -11.66 -8.38
N ALA D 121 26.15 -11.56 -9.71
CA ALA D 121 27.16 -10.80 -10.45
C ALA D 121 27.06 -9.31 -10.14
N LEU D 122 25.84 -8.79 -10.02
CA LEU D 122 25.68 -7.39 -9.63
C LEU D 122 26.33 -7.12 -8.28
N MET D 123 26.08 -7.99 -7.29
CA MET D 123 26.70 -7.82 -5.98
C MET D 123 28.23 -7.81 -6.08
N LYS D 124 28.80 -8.77 -6.80
CA LYS D 124 30.25 -8.81 -6.96
C LYS D 124 30.77 -7.52 -7.59
N ALA D 125 30.07 -6.99 -8.60
CA ALA D 125 30.54 -5.75 -9.22
C ALA D 125 30.44 -4.58 -8.24
N VAL D 126 29.33 -4.46 -7.52
CA VAL D 126 29.20 -3.37 -6.53
C VAL D 126 30.33 -3.47 -5.51
N ALA D 127 30.63 -4.69 -5.04
CA ALA D 127 31.66 -4.86 -4.01
C ALA D 127 33.07 -4.56 -4.52
N THR D 128 33.36 -4.86 -5.80
CA THR D 128 34.74 -4.80 -6.26
C THR D 128 35.05 -3.60 -7.12
N VAL D 129 34.05 -2.93 -7.66
CA VAL D 129 34.25 -1.87 -8.66
C VAL D 129 33.89 -0.50 -8.09
N GLY D 130 32.73 -0.40 -7.43
CA GLY D 130 32.18 0.86 -7.01
C GLY D 130 30.71 0.97 -7.40
N PRO D 131 30.16 2.17 -7.36
CA PRO D 131 28.76 2.37 -7.76
C PRO D 131 28.51 1.94 -9.21
N ILE D 132 27.36 1.32 -9.43
CA ILE D 132 27.02 0.67 -10.70
C ILE D 132 25.74 1.30 -11.27
N SER D 133 25.77 1.67 -12.55
CA SER D 133 24.57 2.15 -13.24
C SER D 133 23.62 1.00 -13.48
N VAL D 134 22.33 1.20 -13.16
CA VAL D 134 21.32 0.18 -13.39
C VAL D 134 20.05 0.83 -13.89
N ALA D 135 19.22 0.04 -14.58
CA ALA D 135 17.89 0.45 -14.97
C ALA D 135 16.87 -0.38 -14.20
N ILE D 136 15.78 0.27 -13.80
CA ILE D 136 14.75 -0.40 -13.01
C ILE D 136 13.39 -0.05 -13.57
N ASP D 137 12.42 -0.91 -13.27
CA ASP D 137 11.01 -0.59 -13.46
C ASP D 137 10.57 0.29 -12.29
N ALA D 138 10.50 1.60 -12.53
CA ALA D 138 10.04 2.54 -11.53
C ALA D 138 8.62 3.04 -11.80
N GLY D 139 7.89 2.40 -12.72
CA GLY D 139 6.64 2.94 -13.19
C GLY D 139 5.43 2.56 -12.38
N HIS D 140 5.47 2.86 -11.09
CA HIS D 140 4.39 2.56 -10.15
C HIS D 140 4.26 3.68 -9.14
N GLU D 141 3.03 4.00 -8.75
CA GLU D 141 2.88 5.11 -7.80
C GLU D 141 3.51 4.76 -6.46
N SER D 142 3.63 3.48 -6.13
CA SER D 142 4.37 3.08 -4.93
C SER D 142 5.84 3.56 -4.98
N PHE D 143 6.45 3.61 -6.16
CA PHE D 143 7.82 4.16 -6.24
C PHE D 143 7.81 5.68 -6.03
N LEU D 144 6.85 6.38 -6.64
CA LEU D 144 6.71 7.82 -6.43
C LEU D 144 6.55 8.15 -4.95
N PHE D 145 5.75 7.36 -4.24
CA PHE D 145 5.39 7.67 -2.87
C PHE D 145 6.31 7.04 -1.84
N TYR D 146 7.34 6.31 -2.28
CA TYR D 146 8.25 5.62 -1.37
C TYR D 146 8.80 6.57 -0.30
N LYS D 147 8.72 6.15 0.97
CA LYS D 147 9.29 6.93 2.08
C LYS D 147 10.48 6.27 2.76
N GLU D 148 10.42 4.96 3.01
CA GLU D 148 11.41 4.28 3.83
C GLU D 148 11.21 2.79 3.67
N GLY D 149 12.19 2.03 4.16
CA GLY D 149 12.09 0.58 4.13
C GLY D 149 12.57 0.01 2.81
N ILE D 150 12.36 -1.29 2.66
CA ILE D 150 12.82 -2.00 1.48
C ILE D 150 11.68 -2.06 0.48
N TYR D 151 11.90 -1.47 -0.69
CA TYR D 151 10.87 -1.32 -1.69
C TYR D 151 10.62 -2.66 -2.36
N PHE D 152 9.38 -3.14 -2.29
CA PHE D 152 8.99 -4.34 -3.03
C PHE D 152 7.62 -4.06 -3.65
N GLU D 153 7.54 -4.14 -4.97
CA GLU D 153 6.31 -3.84 -5.69
C GLU D 153 5.85 -5.09 -6.41
N PRO D 154 4.69 -5.66 -6.04
CA PRO D 154 4.22 -6.90 -6.70
C PRO D 154 4.19 -6.82 -8.21
N ASP D 155 3.85 -5.68 -8.79
CA ASP D 155 3.71 -5.56 -10.23
C ASP D 155 5.00 -5.18 -10.94
N CYS D 156 6.14 -5.25 -10.25
CA CYS D 156 7.39 -4.86 -10.88
C CYS D 156 7.83 -5.88 -11.93
N SER D 157 8.36 -5.36 -13.05
CA SER D 157 8.88 -6.14 -14.15
C SER D 157 10.39 -6.28 -14.07
N SER D 158 10.88 -7.49 -14.32
N SER D 158 10.89 -7.49 -14.33
CA SER D 158 12.30 -7.76 -14.44
CA SER D 158 12.32 -7.71 -14.44
C SER D 158 12.81 -7.55 -15.87
C SER D 158 12.81 -7.53 -15.87
N GLU D 159 11.92 -7.26 -16.81
CA GLU D 159 12.27 -7.17 -18.21
C GLU D 159 12.06 -5.78 -18.80
N ASP D 160 11.11 -5.02 -18.29
CA ASP D 160 10.68 -3.76 -18.91
C ASP D 160 10.98 -2.64 -17.91
N MET D 161 12.19 -2.11 -17.99
CA MET D 161 12.64 -1.05 -17.11
C MET D 161 12.39 0.29 -17.78
N ASP D 162 12.28 1.35 -16.98
CA ASP D 162 12.00 2.67 -17.55
C ASP D 162 12.83 3.78 -16.92
N HIS D 163 13.80 3.46 -16.08
CA HIS D 163 14.38 4.50 -15.23
C HIS D 163 15.81 4.09 -14.88
N GLY D 164 16.75 5.00 -15.05
CA GLY D 164 18.14 4.73 -14.73
C GLY D 164 18.51 5.33 -13.39
N VAL D 165 19.19 4.53 -12.57
CA VAL D 165 19.59 4.93 -11.22
C VAL D 165 20.97 4.38 -10.93
N LEU D 166 21.42 4.51 -9.68
CA LEU D 166 22.81 4.17 -9.34
C LEU D 166 22.80 3.31 -8.09
N VAL D 167 23.38 2.11 -8.16
CA VAL D 167 23.54 1.28 -6.99
C VAL D 167 24.83 1.68 -6.29
N VAL D 168 24.72 2.19 -5.07
CA VAL D 168 25.89 2.61 -4.30
C VAL D 168 26.24 1.64 -3.17
N GLY D 169 25.47 0.58 -2.99
CA GLY D 169 25.79 -0.39 -1.97
C GLY D 169 24.66 -1.39 -1.83
N TYR D 170 24.72 -2.14 -0.73
CA TYR D 170 23.70 -3.12 -0.42
C TYR D 170 23.86 -3.51 1.05
N GLY D 171 22.88 -4.26 1.56
CA GLY D 171 22.96 -4.67 2.96
C GLY D 171 21.71 -5.42 3.36
N PHE D 172 21.42 -5.38 4.66
CA PHE D 172 20.24 -6.07 5.17
C PHE D 172 19.72 -5.35 6.40
N GLU D 173 18.41 -5.50 6.63
CA GLU D 173 17.70 -5.05 7.82
C GLU D 173 17.32 -6.27 8.65
N SER D 174 16.94 -6.02 9.91
CA SER D 174 16.56 -7.08 10.86
C SER D 174 17.73 -8.04 11.09
N THR D 175 17.46 -9.20 11.68
CA THR D 175 18.50 -10.20 11.82
C THR D 175 18.83 -10.81 10.46
N GLU D 176 20.11 -11.18 10.31
CA GLU D 176 20.62 -11.60 9.01
C GLU D 176 19.88 -12.80 8.45
N SER D 177 19.42 -13.71 9.32
CA SER D 177 18.78 -14.94 8.84
C SER D 177 17.39 -14.70 8.27
N ASP D 178 16.79 -13.53 8.49
CA ASP D 178 15.52 -13.21 7.85
C ASP D 178 15.68 -12.95 6.36
N ASN D 179 16.92 -12.80 5.88
CA ASN D 179 17.21 -12.51 4.46
C ASN D 179 16.45 -11.28 3.98
N ASN D 180 16.40 -10.27 4.84
CA ASN D 180 15.72 -9.01 4.57
C ASN D 180 16.73 -8.04 3.94
N LYS D 181 17.06 -8.34 2.68
CA LYS D 181 18.20 -7.74 1.98
C LYS D 181 17.77 -6.66 1.01
N TYR D 182 18.66 -5.68 0.79
CA TYR D 182 18.34 -4.58 -0.10
C TYR D 182 19.56 -4.12 -0.89
N TRP D 183 19.27 -3.54 -2.04
CA TRP D 183 20.19 -2.69 -2.79
C TRP D 183 20.03 -1.24 -2.32
N LEU D 184 21.15 -0.55 -2.09
CA LEU D 184 21.10 0.86 -1.73
C LEU D 184 21.23 1.68 -3.02
N VAL D 185 20.21 2.47 -3.33
CA VAL D 185 20.06 3.07 -4.66
C VAL D 185 19.93 4.58 -4.54
N LYS D 186 20.78 5.29 -5.28
CA LYS D 186 20.71 6.73 -5.40
C LYS D 186 19.84 7.09 -6.61
N ASN D 187 18.81 7.90 -6.37
CA ASN D 187 17.89 8.36 -7.40
C ASN D 187 18.26 9.79 -7.77
N SER D 188 17.64 10.31 -8.82
CA SER D 188 17.91 11.66 -9.27
C SER D 188 16.64 12.51 -9.24
N TRP D 189 15.82 12.35 -8.21
CA TRP D 189 14.58 13.12 -8.08
C TRP D 189 14.63 14.09 -6.90
N GLY D 190 15.83 14.49 -6.47
CA GLY D 190 15.94 15.40 -5.36
C GLY D 190 15.87 14.70 -4.02
N GLU D 191 16.25 15.43 -2.97
CA GLU D 191 16.34 14.78 -1.69
C GLU D 191 15.01 14.72 -0.95
N GLU D 192 13.96 15.37 -1.46
CA GLU D 192 12.65 15.26 -0.85
C GLU D 192 11.96 13.95 -1.22
N TRP D 193 12.40 13.29 -2.30
CA TRP D 193 11.87 11.98 -2.66
C TRP D 193 12.51 10.91 -1.81
N GLY D 194 11.70 9.94 -1.37
CA GLY D 194 12.32 8.79 -0.71
C GLY D 194 13.03 9.15 0.57
N MET D 195 14.16 8.47 0.80
N MET D 195 14.13 8.41 0.84
CA MET D 195 14.95 8.60 2.01
CA MET D 195 14.96 8.59 2.02
C MET D 195 16.13 9.52 1.68
C MET D 195 16.11 9.52 1.65
N GLY D 196 15.87 10.83 1.75
CA GLY D 196 16.88 11.78 1.32
C GLY D 196 17.29 11.62 -0.13
N GLY D 197 16.39 11.09 -0.98
CA GLY D 197 16.70 10.85 -2.37
C GLY D 197 17.20 9.46 -2.68
N TYR D 198 17.31 8.60 -1.67
CA TYR D 198 17.78 7.23 -1.78
C TYR D 198 16.59 6.30 -1.59
N VAL D 199 16.74 5.07 -2.08
CA VAL D 199 15.75 4.01 -1.91
C VAL D 199 16.49 2.70 -1.65
N LYS D 200 15.96 1.89 -0.73
CA LYS D 200 16.44 0.54 -0.55
C LYS D 200 15.54 -0.36 -1.39
N MET D 201 16.13 -1.08 -2.34
N MET D 201 16.14 -1.04 -2.37
CA MET D 201 15.34 -1.87 -3.26
CA MET D 201 15.40 -1.87 -3.33
C MET D 201 15.53 -3.35 -3.01
C MET D 201 15.53 -3.36 -2.98
N ALA D 202 14.45 -4.11 -3.15
CA ALA D 202 14.45 -5.53 -2.83
C ALA D 202 15.57 -6.29 -3.55
N LYS D 203 16.34 -7.05 -2.77
CA LYS D 203 17.53 -7.75 -3.25
C LYS D 203 17.33 -9.25 -3.09
N ASP D 204 17.85 -10.01 -4.07
CA ASP D 204 17.84 -11.46 -4.08
C ASP D 204 16.42 -12.01 -4.05
N ARG D 205 15.54 -11.33 -4.78
CA ARG D 205 14.21 -11.85 -5.08
C ARG D 205 14.07 -12.01 -6.60
N ARG D 206 15.00 -12.76 -7.21
CA ARG D 206 14.97 -13.04 -8.65
C ARG D 206 14.88 -11.75 -9.48
N ASN D 207 15.74 -10.80 -9.17
CA ASN D 207 15.95 -9.63 -10.04
C ASN D 207 14.73 -8.72 -10.02
N HIS D 208 14.30 -8.34 -8.80
CA HIS D 208 13.11 -7.52 -8.63
C HIS D 208 13.28 -6.15 -9.31
N CYS D 209 12.27 -5.75 -10.08
CA CYS D 209 12.22 -4.52 -10.86
C CYS D 209 13.34 -4.44 -11.91
N GLY D 210 14.01 -5.54 -12.19
CA GLY D 210 14.99 -5.58 -13.27
C GLY D 210 16.32 -4.98 -12.93
N ILE D 211 16.64 -4.84 -11.63
CA ILE D 211 17.83 -4.08 -11.23
C ILE D 211 19.13 -4.67 -11.78
N ALA D 212 19.18 -5.98 -12.01
CA ALA D 212 20.35 -6.63 -12.58
C ALA D 212 20.26 -6.85 -14.09
N SER D 213 19.21 -6.31 -14.73
CA SER D 213 18.93 -6.62 -16.12
C SER D 213 19.76 -5.75 -17.07
N ALA D 214 20.19 -4.57 -16.62
CA ALA D 214 20.95 -3.66 -17.48
C ALA D 214 21.97 -2.90 -16.63
N ALA D 215 22.82 -3.65 -15.93
CA ALA D 215 23.79 -3.07 -15.01
C ALA D 215 25.13 -2.90 -15.72
N SER D 216 25.78 -1.75 -15.52
CA SER D 216 27.06 -1.53 -16.19
C SER D 216 27.85 -0.46 -15.47
N TYR D 217 29.11 -0.32 -15.88
CA TYR D 217 29.96 0.74 -15.35
C TYR D 217 31.00 1.09 -16.40
N PRO D 218 31.54 2.30 -16.34
CA PRO D 218 32.55 2.70 -17.32
C PRO D 218 33.94 2.22 -16.92
N THR D 219 34.77 1.96 -17.94
N THR D 219 34.77 2.01 -17.94
CA THR D 219 36.15 1.54 -17.72
CA THR D 219 36.15 1.56 -17.76
C THR D 219 37.02 2.78 -17.75
C THR D 219 37.06 2.78 -17.77
N VAL D 220 37.72 3.05 -16.65
CA VAL D 220 38.60 4.21 -16.61
C VAL D 220 40.07 3.75 -16.47
N1 TXH E . 1.90 3.20 29.64
C7 TXH E . -0.93 -4.40 30.10
C8 TXH E . -2.29 -4.20 29.99
N2 TXH E . 1.28 -3.18 30.08
C9 TXH E . -2.82 -2.93 29.78
O1 TXH E . 0.14 3.32 31.07
C1 TXH E . 1.02 2.66 30.51
C5 TXH E . 1.63 -1.88 29.95
C6 TXH E . -0.09 -3.28 30.02
N3 TXH E . 0.52 0.86 32.02
C4 TXH E . 0.52 -1.09 29.78
C3 TXH E . 0.47 0.39 29.61
O3 TXH E . 0.40 0.54 34.19
C2 TXH E . 1.15 1.17 30.75
N TXH E . 1.89 4.56 29.38
C TXH E . 1.10 5.03 28.40
O TXH E . 1.03 6.22 28.10
C10 TXH E . -1.98 -1.82 29.69
C11 TXH E . -0.61 -2.00 29.82
C12 TXH E . 1.22 0.85 33.16
C13 TXH E . 0.84 0.69 35.61
C14 TXH E . 1.46 2.04 35.86
C15 TXH E . -0.43 0.53 36.41
C16 TXH E . 1.81 -0.43 35.87
O2 TXH E . 2.41 1.06 33.25
C1 EDO F . 3.11 -2.89 33.47
O1 EDO F . 4.39 -2.94 34.10
C2 EDO F . 2.33 -4.15 33.80
O2 EDO F . 0.94 -3.81 33.93
O1 PG4 G . 9.20 12.18 23.69
C1 PG4 G . 8.54 10.93 23.52
C2 PG4 G . 7.25 11.11 22.80
O2 PG4 G . 6.39 10.01 23.08
C3 PG4 G . 5.10 10.42 23.52
C4 PG4 G . 5.05 10.48 25.00
O3 PG4 G . 4.30 9.39 25.52
C5 PG4 G . 4.71 9.00 26.82
C6 PG4 G . 4.01 7.73 27.21
O4 PG4 G . 4.95 6.67 27.37
C7 PG4 G . 4.79 5.63 26.41
C8 PG4 G . 5.87 4.61 26.58
O5 PG4 G . 6.69 4.52 25.43
C1 EDO H . -20.17 -6.02 14.61
O1 EDO H . -19.23 -5.38 15.49
C2 EDO H . -19.61 -7.36 14.16
O2 EDO H . -19.91 -7.56 12.79
C1 EDO I . -13.83 -3.89 6.73
O1 EDO I . -13.28 -4.96 7.51
C2 EDO I . -12.81 -3.49 5.65
O2 EDO I . -13.32 -2.38 4.89
C1 EDO J . -16.17 18.46 32.88
O1 EDO J . -15.14 19.40 32.54
C2 EDO J . -17.54 19.10 32.68
O2 EDO J . -18.51 18.11 32.30
S DMS K . 8.68 -16.85 6.90
O DMS K . 7.93 -18.04 6.40
C1 DMS K . 10.46 -17.21 7.06
C2 DMS K . 8.79 -15.61 5.58
N1 TXH L . -8.63 -26.02 2.44
C7 TXH L . -6.17 -18.33 2.27
C8 TXH L . -5.03 -18.41 1.47
N2 TXH L . -8.04 -19.70 3.23
C9 TXH L . -4.64 -19.62 0.92
O1 TXH L . -6.49 -26.18 3.15
C1 TXH L . -7.52 -25.51 2.98
C5 TXH L . -8.37 -21.02 3.17
C6 TXH L . -6.89 -19.49 2.50
N3 TXH L . -6.51 -23.75 4.32
C4 TXH L . -7.46 -21.71 2.41
C3 TXH L . -7.44 -23.17 2.11
O3 TXH L . -5.52 -23.67 6.28
C2 TXH L . -7.59 -24.04 3.37
N TXH L . -8.67 -27.35 2.07
C TXH L . -8.30 -27.75 0.85
O TXH L . -8.31 -28.91 0.47
C10 TXH L . -5.37 -20.79 1.16
C11 TXH L . -6.50 -20.72 1.96
C12 TXH L . -6.66 -23.98 5.64
C13 TXH L . -5.38 -23.81 7.75
C14 TXH L . -5.77 -25.18 8.25
C15 TXH L . -3.90 -23.56 8.02
C16 TXH L . -6.24 -22.72 8.36
O2 TXH L . -7.68 -24.38 6.15
O1 PG4 M . -14.37 -32.70 -2.18
C1 PG4 M . -13.72 -32.44 -0.94
C2 PG4 M . -12.43 -33.18 -0.81
O2 PG4 M . -11.94 -33.06 0.53
C3 PG4 M . -11.15 -31.89 0.71
C4 PG4 M . -11.77 -30.95 1.71
O3 PG4 M . -11.70 -29.61 1.21
C5 PG4 M . -12.06 -28.64 2.18
C6 PG4 M . -12.61 -27.40 1.50
O4 PG4 M . -14.03 -27.45 1.44
C7 PG4 M . -14.55 -26.97 0.20
C8 PG4 M . -15.76 -27.78 -0.19
O5 PG4 M . -16.89 -27.43 0.58
C1 PEG N . 8.45 -20.83 -23.29
O1 PEG N . 9.84 -20.97 -23.54
C2 PEG N . 8.19 -20.04 -22.05
O2 PEG N . 8.25 -18.65 -22.34
C3 PEG N . 7.24 -17.90 -21.67
C4 PEG N . 7.78 -16.55 -21.31
O4 PEG N . 7.97 -15.74 -22.46
S DMS O . 4.74 -13.79 -19.69
O DMS O . 4.15 -12.43 -19.53
C1 DMS O . 6.49 -13.73 -19.21
C2 DMS O . 4.10 -14.89 -18.40
S DMS P . 5.46 -8.80 -13.70
O DMS P . 6.67 -9.67 -13.82
C1 DMS P . 5.61 -7.31 -14.72
C2 DMS P . 4.21 -9.55 -14.71
C ACT Q . 12.13 -23.80 8.48
O ACT Q . 12.36 -24.73 9.32
OXT ACT Q . 12.80 -23.49 7.46
CH3 ACT Q . 10.84 -22.92 8.73
C1 EDO R . 9.51 -40.36 -3.02
O1 EDO R . 8.57 -41.44 -2.87
C2 EDO R . 10.93 -40.91 -3.10
O2 EDO R . 11.80 -39.90 -3.62
S DMS S . 19.61 -29.24 -4.50
O DMS S . 19.56 -27.82 -4.05
C1 DMS S . 18.24 -29.58 -5.65
C2 DMS S . 21.01 -29.51 -5.63
N1 TXH T . -8.39 15.70 -13.09
C7 TXH T . -12.15 22.81 -12.13
C8 TXH T . -13.32 22.43 -11.49
N2 TXH T . -9.98 21.90 -13.04
C9 TXH T . -13.54 21.11 -11.13
O1 TXH T . -10.46 15.28 -13.88
C1 TXH T . -9.57 16.07 -13.58
C5 TXH T . -9.43 20.65 -13.11
C6 TXH T . -11.20 21.81 -12.41
N3 TXH T . -10.89 17.79 -14.66
C4 TXH T . -10.26 19.73 -12.53
C3 TXH T . -10.05 18.26 -12.41
O3 TXH T . -11.93 17.99 -16.59
C2 TXH T . -9.76 17.58 -13.75
N TXH T . -8.06 14.37 -12.96
C TXH T . -8.30 13.73 -11.81
O TXH T . -8.03 12.54 -11.62
C10 TXH T . -12.59 20.13 -11.41
C11 TXH T . -11.42 20.47 -12.07
C12 TXH T . -10.74 17.80 -16.00
C13 TXH T . -12.11 17.91 -18.05
C14 TXH T . -11.57 16.60 -18.63
C15 TXH T . -13.60 18.01 -18.24
C16 TXH T . -11.39 19.11 -18.64
O2 TXH T . -9.67 17.69 -16.56
O1 PG4 U . -0.20 15.16 -11.55
C1 PG4 U . -1.52 15.41 -11.08
C2 PG4 U . -2.53 15.19 -12.15
O2 PG4 U . -3.54 14.30 -11.66
C3 PG4 U . -4.43 13.87 -12.68
C4 PG4 U . -4.08 12.49 -13.17
O3 PG4 U . -4.70 11.51 -12.35
C5 PG4 U . -4.11 10.22 -12.45
C6 PG4 U . -3.85 9.65 -11.08
O4 PG4 U . -2.48 9.76 -10.75
C7 PG4 U . -2.18 9.38 -9.41
C8 PG4 U . -0.83 9.88 -9.03
O5 PG4 U . 0.19 9.31 -9.84
C1 PEG V . -25.69 -1.45 -7.58
O1 PEG V . -26.54 -2.52 -7.16
C2 PEG V . -25.26 -1.63 -9.01
O2 PEG V . -24.27 -2.64 -9.10
C3 PEG V . -23.09 -2.19 -9.76
C4 PEG V . -22.20 -3.34 -10.10
O4 PEG V . -21.30 -3.63 -9.04
C1 EDO W . -27.05 10.34 -16.72
O1 EDO W . -27.35 8.94 -16.60
C2 EDO W . -28.27 11.26 -16.74
O2 EDO W . -29.00 11.15 -15.51
C1 EDO X . -6.04 0.63 -6.39
O1 EDO X . -4.85 0.80 -5.61
C2 EDO X . -6.90 1.88 -6.19
O2 EDO X . -7.97 1.91 -7.14
N1 TXH Y . 14.16 6.84 -18.75
C7 TXH Y . 18.10 -0.12 -20.03
C8 TXH Y . 19.42 0.28 -19.92
N2 TXH Y . 15.74 0.73 -19.90
C9 TXH Y . 19.74 1.60 -19.60
O1 TXH Y . 15.74 7.40 -20.27
C1 TXH Y . 15.05 6.55 -19.71
C5 TXH Y . 15.18 1.95 -19.64
C6 TXH Y . 17.11 0.83 -19.83
N3 TXH Y . 15.73 4.98 -21.43
C4 TXH Y . 16.17 2.87 -19.40
C3 TXH Y . 15.99 4.32 -19.08
O3 TXH Y . 15.78 4.96 -23.63
C2 TXH Y . 15.15 5.09 -20.11
N TXH Y . 13.95 8.16 -18.36
C TXH Y . 14.71 8.71 -17.40
O TXH Y . 14.59 9.85 -16.99
C10 TXH Y . 18.75 2.54 -19.40
C11 TXH Y . 17.41 2.17 -19.51
C12 TXH Y . 14.98 5.07 -22.54
C13 TXH Y . 15.26 5.20 -25.01
C14 TXH Y . 14.49 6.50 -25.11
C15 TXH Y . 16.52 5.25 -25.85
C16 TXH Y . 14.40 4.02 -25.37
O2 TXH Y . 13.78 5.18 -22.55
O1 PG4 Z . 9.08 6.46 -13.55
C1 PG4 Z . 9.10 7.16 -14.78
C2 PG4 Z . 10.40 6.97 -15.50
O2 PG4 Z . 10.55 7.99 -16.46
C3 PG4 Z . 11.22 9.13 -15.93
C4 PG4 Z . 10.73 10.38 -16.58
O3 PG4 Z . 11.32 11.51 -15.94
C5 PG4 Z . 10.38 12.47 -15.48
C6 PG4 Z . 10.78 12.96 -14.12
O4 PG4 Z . 10.00 12.30 -13.12
C7 PG4 Z . 10.02 12.95 -11.87
C8 PG4 Z . 8.63 13.03 -11.33
O5 PG4 Z . 8.04 11.74 -11.23
O1 PG4 AA . 14.27 21.14 -9.54
C1 PG4 AA . 14.73 20.86 -10.85
C2 PG4 AA . 16.19 20.58 -10.86
O2 PG4 AA . 16.77 21.06 -12.07
C3 PG4 AA . 17.29 22.38 -11.92
C4 PG4 AA . 17.73 22.94 -13.24
O3 PG4 AA . 16.66 23.66 -13.85
C5 PG4 AA . 17.00 25.01 -14.15
C6 PG4 AA . 15.93 25.61 -15.01
O4 PG4 AA . 14.71 24.90 -14.82
C7 PG4 AA . 13.61 25.75 -14.53
C8 PG4 AA . 12.38 24.91 -14.37
O5 PG4 AA . 12.05 24.22 -15.57
C1 PGE BA . 27.59 27.04 -19.47
O1 PGE BA . 27.62 28.17 -20.33
C2 PGE BA . 27.18 25.81 -20.20
O2 PGE BA . 28.12 25.55 -21.24
C3 PGE BA . 29.25 24.81 -20.80
C4 PGE BA . 30.50 25.41 -21.38
O4 PGE BA . 31.43 26.96 -18.80
C6 PGE BA . 32.71 26.51 -19.22
C5 PGE BA . 32.66 25.92 -20.60
O3 PGE BA . 31.63 24.95 -20.67
C1 PEG CA . 45.96 21.23 -20.39
O1 PEG CA . 46.65 21.62 -19.20
C2 PEG CA . 44.49 21.51 -20.30
O2 PEG CA . 43.80 20.34 -19.89
C3 PEG CA . 42.42 20.36 -20.20
C4 PEG CA . 41.69 19.58 -19.16
O4 PEG CA . 42.43 18.44 -18.79
C1 EDO DA . 15.66 -0.44 -23.32
O1 EDO DA . 16.90 -0.53 -24.03
C2 EDO DA . 15.14 0.99 -23.41
O2 EDO DA . 13.70 0.98 -23.38
#